data_1XCS
# 
_entry.id   1XCS 
# 
_audit_conform.dict_name       mmcif_pdbx.dic 
_audit_conform.dict_version    5.386 
_audit_conform.dict_location   http://mmcif.pdb.org/dictionaries/ascii/mmcif_pdbx.dic 
# 
loop_
_database_2.database_id 
_database_2.database_code 
_database_2.pdbx_database_accession 
_database_2.pdbx_DOI 
PDB   1XCS         pdb_00001xcs 10.2210/pdb1xcs/pdb 
NDB   DD0064       ?            ?                   
RCSB  RCSB030212   ?            ?                   
WWPDB D_1000030212 ?            ?                   
# 
loop_
_pdbx_audit_revision_history.ordinal 
_pdbx_audit_revision_history.data_content_type 
_pdbx_audit_revision_history.major_revision 
_pdbx_audit_revision_history.minor_revision 
_pdbx_audit_revision_history.revision_date 
1 'Structure model' 1 0 2005-07-19 
2 'Structure model' 1 1 2008-04-30 
3 'Structure model' 1 2 2011-07-13 
4 'Structure model' 1 3 2011-11-16 
5 'Structure model' 1 4 2024-02-14 
# 
_pdbx_audit_revision_details.ordinal             1 
_pdbx_audit_revision_details.revision_ordinal    1 
_pdbx_audit_revision_details.data_content_type   'Structure model' 
_pdbx_audit_revision_details.provider            repository 
_pdbx_audit_revision_details.type                'Initial release' 
_pdbx_audit_revision_details.description         ? 
_pdbx_audit_revision_details.details             ? 
# 
loop_
_pdbx_audit_revision_group.ordinal 
_pdbx_audit_revision_group.revision_ordinal 
_pdbx_audit_revision_group.data_content_type 
_pdbx_audit_revision_group.group 
1 2 'Structure model' 'Version format compliance' 
2 3 'Structure model' 'Version format compliance' 
3 4 'Structure model' 'Atomic model'              
4 5 'Structure model' 'Data collection'           
5 5 'Structure model' 'Database references'       
6 5 'Structure model' 'Derived calculations'      
# 
loop_
_pdbx_audit_revision_category.ordinal 
_pdbx_audit_revision_category.revision_ordinal 
_pdbx_audit_revision_category.data_content_type 
_pdbx_audit_revision_category.category 
1 5 'Structure model' chem_comp_atom         
2 5 'Structure model' chem_comp_bond         
3 5 'Structure model' database_2             
4 5 'Structure model' diffrn_source          
5 5 'Structure model' pdbx_struct_conn_angle 
6 5 'Structure model' struct_conn            
7 5 'Structure model' struct_site            
# 
loop_
_pdbx_audit_revision_item.ordinal 
_pdbx_audit_revision_item.revision_ordinal 
_pdbx_audit_revision_item.data_content_type 
_pdbx_audit_revision_item.item 
1  5 'Structure model' '_database_2.pdbx_DOI'                        
2  5 'Structure model' '_database_2.pdbx_database_accession'         
3  5 'Structure model' '_diffrn_source.pdbx_synchrotron_site'        
4  5 'Structure model' '_pdbx_struct_conn_angle.ptnr1_auth_comp_id'  
5  5 'Structure model' '_pdbx_struct_conn_angle.ptnr1_auth_seq_id'   
6  5 'Structure model' '_pdbx_struct_conn_angle.ptnr1_label_asym_id' 
7  5 'Structure model' '_pdbx_struct_conn_angle.ptnr1_label_atom_id' 
8  5 'Structure model' '_pdbx_struct_conn_angle.ptnr1_label_comp_id' 
9  5 'Structure model' '_pdbx_struct_conn_angle.ptnr1_label_seq_id'  
10 5 'Structure model' '_pdbx_struct_conn_angle.ptnr1_symmetry'      
11 5 'Structure model' '_pdbx_struct_conn_angle.ptnr2_auth_comp_id'  
12 5 'Structure model' '_pdbx_struct_conn_angle.ptnr2_auth_seq_id'   
13 5 'Structure model' '_pdbx_struct_conn_angle.ptnr2_label_asym_id' 
14 5 'Structure model' '_pdbx_struct_conn_angle.ptnr2_label_atom_id' 
15 5 'Structure model' '_pdbx_struct_conn_angle.ptnr2_label_comp_id' 
16 5 'Structure model' '_pdbx_struct_conn_angle.ptnr3_auth_comp_id'  
17 5 'Structure model' '_pdbx_struct_conn_angle.ptnr3_auth_seq_id'   
18 5 'Structure model' '_pdbx_struct_conn_angle.ptnr3_label_asym_id' 
19 5 'Structure model' '_pdbx_struct_conn_angle.ptnr3_label_atom_id' 
20 5 'Structure model' '_pdbx_struct_conn_angle.ptnr3_label_comp_id' 
21 5 'Structure model' '_pdbx_struct_conn_angle.ptnr3_label_seq_id'  
22 5 'Structure model' '_pdbx_struct_conn_angle.ptnr3_symmetry'      
23 5 'Structure model' '_pdbx_struct_conn_angle.value'               
24 5 'Structure model' '_struct_conn.pdbx_dist_value'                
25 5 'Structure model' '_struct_conn.ptnr1_auth_comp_id'             
26 5 'Structure model' '_struct_conn.ptnr1_auth_seq_id'              
27 5 'Structure model' '_struct_conn.ptnr1_label_asym_id'            
28 5 'Structure model' '_struct_conn.ptnr1_label_atom_id'            
29 5 'Structure model' '_struct_conn.ptnr1_label_comp_id'            
30 5 'Structure model' '_struct_conn.ptnr1_label_seq_id'             
31 5 'Structure model' '_struct_conn.ptnr1_symmetry'                 
32 5 'Structure model' '_struct_conn.ptnr2_auth_comp_id'             
33 5 'Structure model' '_struct_conn.ptnr2_auth_seq_id'              
34 5 'Structure model' '_struct_conn.ptnr2_label_asym_id'            
35 5 'Structure model' '_struct_conn.ptnr2_label_atom_id'            
36 5 'Structure model' '_struct_conn.ptnr2_label_comp_id'            
37 5 'Structure model' '_struct_conn.ptnr2_label_seq_id'             
38 5 'Structure model' '_struct_conn.ptnr2_symmetry'                 
39 5 'Structure model' '_struct_site.pdbx_auth_asym_id'              
40 5 'Structure model' '_struct_site.pdbx_auth_comp_id'              
41 5 'Structure model' '_struct_site.pdbx_auth_seq_id'               
# 
_pdbx_database_status.status_code                     REL 
_pdbx_database_status.entry_id                        1XCS 
_pdbx_database_status.recvd_initial_deposition_date   2004-09-03 
_pdbx_database_status.deposit_site                    RCSB 
_pdbx_database_status.process_site                    RCSB 
_pdbx_database_status.status_code_sf                  REL 
_pdbx_database_status.status_code_mr                  ? 
_pdbx_database_status.SG_entry                        ? 
_pdbx_database_status.pdb_format_compatible           Y 
_pdbx_database_status.status_code_cs                  ? 
_pdbx_database_status.status_code_nmr_data            ? 
_pdbx_database_status.methods_development_category    ? 
# 
loop_
_audit_author.name 
_audit_author.pdbx_ordinal 
'Valls, N.'       1 
'Steiner, R.A.'   2 
'Wright, G.'      3 
'Murshudov, G.N.' 4 
'Subirana, J.A.'  5 
# 
_citation.id                        primary 
_citation.title                     'Variable role of ions in two drug intercalation complexes of DNA' 
_citation.journal_abbrev            J.Biol.Inorg.Chem. 
_citation.journal_volume            10 
_citation.page_first                476 
_citation.page_last                 482 
_citation.year                      2005 
_citation.journal_id_ASTM           JJBCFA 
_citation.country                   GW 
_citation.journal_id_ISSN           0949-8257 
_citation.journal_id_CSD            2154 
_citation.book_publisher            ? 
_citation.pdbx_database_id_PubMed   15926069 
_citation.pdbx_database_id_DOI      10.1007/s00775-005-0655-3 
# 
loop_
_citation_author.citation_id 
_citation_author.name 
_citation_author.ordinal 
_citation_author.identifier_ORCID 
primary 'Valls, N.'       1 ? 
primary 'Steiner, R.A.'   2 ? 
primary 'Wright, G.'      3 ? 
primary 'Murshudov, G.N.' 4 ? 
primary 'Subirana, J.A.'  5 ? 
# 
loop_
_entity.id 
_entity.type 
_entity.src_method 
_entity.pdbx_description 
_entity.formula_weight 
_entity.pdbx_number_of_molecules 
_entity.pdbx_ec 
_entity.pdbx_mutation 
_entity.pdbx_fragment 
_entity.details 
1 polymer     syn "5'-D(*CP*GP*TP*AP*CP*G)-3'" 1809.217 2  ? ? ? ? 
2 non-polymer syn 'COBALT (II) ION' 58.933   2  ? ? ? ? 
3 non-polymer syn 
;9-[(5-(ACETYLAMINO)-6-{[(1S,4R)-8-AMINO-4-[((2R)-6-AMINO-2-{2-[(1S)-5-AMINO-1-FORMYLPENTYL]HYDRAZINO}HEXANOYL)AMINO]-1-(4-AMINOBUTYL)-2,3-DIOXOOCTYL]AMINO}-6-OXOHEXYL)AMINO]-6-CHLORO-2-METHOXYACRIDINIUM
;
927.594  1  ? ? ? ? 
4 non-polymer syn 'BARIUM ION' 137.327  1  ? ? ? ? 
5 water       nat water 18.015   44 ? ? ? ? 
# 
_entity_poly.entity_id                      1 
_entity_poly.type                           polydeoxyribonucleotide 
_entity_poly.nstd_linkage                   no 
_entity_poly.nstd_monomer                   no 
_entity_poly.pdbx_seq_one_letter_code       '(DC)(DG)(DT)(DA)(DC)(DG)' 
_entity_poly.pdbx_seq_one_letter_code_can   CGTACG 
_entity_poly.pdbx_strand_id                 A,B 
_entity_poly.pdbx_target_identifier         ? 
# 
loop_
_pdbx_entity_nonpoly.entity_id 
_pdbx_entity_nonpoly.name 
_pdbx_entity_nonpoly.comp_id 
2 'COBALT (II) ION' CO  
3 
;9-[(5-(ACETYLAMINO)-6-{[(1S,4R)-8-AMINO-4-[((2R)-6-AMINO-2-{2-[(1S)-5-AMINO-1-FORMYLPENTYL]HYDRAZINO}HEXANOYL)AMINO]-1-(4-AMINOBUTYL)-2,3-DIOXOOCTYL]AMINO}-6-OXOHEXYL)AMINO]-6-CHLORO-2-METHOXYACRIDINIUM
;
A4L 
4 'BARIUM ION' BA  
5 water HOH 
# 
loop_
_entity_poly_seq.entity_id 
_entity_poly_seq.num 
_entity_poly_seq.mon_id 
_entity_poly_seq.hetero 
1 1 DC n 
1 2 DG n 
1 3 DT n 
1 4 DA n 
1 5 DC n 
1 6 DG n 
# 
loop_
_chem_comp.id 
_chem_comp.type 
_chem_comp.mon_nstd_flag 
_chem_comp.name 
_chem_comp.pdbx_synonyms 
_chem_comp.formula 
_chem_comp.formula_weight 
A4L non-polymer   . 
;9-[(5-(ACETYLAMINO)-6-{[(1S,4R)-8-AMINO-4-[((2R)-6-AMINO-2-{2-[(1S)-5-AMINO-1-FORMYLPENTYL]HYDRAZINO}HEXANOYL)AMINO]-1-(4-AMINOBUTYL)-2,3-DIOXOOCTYL]AMINO}-6-OXOHEXYL)AMINO]-6-CHLORO-2-METHOXYACRIDINIUM
;
? 'C46 H73 Cl N11 O7 1' 927.594 
BA  non-polymer   . 'BARIUM ION' ? 'Ba 2'                137.327 
CO  non-polymer   . 'COBALT (II) ION' ? 'Co 2'                58.933  
DA  'DNA linking' y "2'-DEOXYADENOSINE-5'-MONOPHOSPHATE" ? 'C10 H14 N5 O6 P'     331.222 
DC  'DNA linking' y "2'-DEOXYCYTIDINE-5'-MONOPHOSPHATE" ? 'C9 H14 N3 O7 P'      307.197 
DG  'DNA linking' y "2'-DEOXYGUANOSINE-5'-MONOPHOSPHATE" ? 'C10 H14 N5 O7 P'     347.221 
DT  'DNA linking' y "THYMIDINE-5'-MONOPHOSPHATE" ? 'C10 H15 N2 O8 P'     322.208 
HOH non-polymer   . WATER ? 'H2 O'                18.015  
# 
loop_
_pdbx_poly_seq_scheme.asym_id 
_pdbx_poly_seq_scheme.entity_id 
_pdbx_poly_seq_scheme.seq_id 
_pdbx_poly_seq_scheme.mon_id 
_pdbx_poly_seq_scheme.ndb_seq_num 
_pdbx_poly_seq_scheme.pdb_seq_num 
_pdbx_poly_seq_scheme.auth_seq_num 
_pdbx_poly_seq_scheme.pdb_mon_id 
_pdbx_poly_seq_scheme.auth_mon_id 
_pdbx_poly_seq_scheme.pdb_strand_id 
_pdbx_poly_seq_scheme.pdb_ins_code 
_pdbx_poly_seq_scheme.hetero 
A 1 1 DC 1 1  1  DC C A . n 
A 1 2 DG 2 2  2  DG G A . n 
A 1 3 DT 3 3  3  DT T A . n 
A 1 4 DA 4 4  4  DA A A . n 
A 1 5 DC 5 5  5  DC C A . n 
A 1 6 DG 6 6  6  DG G A . n 
B 1 1 DC 1 7  7  DC C B . n 
B 1 2 DG 2 8  8  DG G B . n 
B 1 3 DT 3 9  9  DT T B . n 
B 1 4 DA 4 10 10 DA A B . n 
B 1 5 DC 5 11 11 DC C B . n 
B 1 6 DG 6 12 12 DG G B . n 
# 
loop_
_pdbx_nonpoly_scheme.asym_id 
_pdbx_nonpoly_scheme.entity_id 
_pdbx_nonpoly_scheme.mon_id 
_pdbx_nonpoly_scheme.ndb_seq_num 
_pdbx_nonpoly_scheme.pdb_seq_num 
_pdbx_nonpoly_scheme.auth_seq_num 
_pdbx_nonpoly_scheme.pdb_mon_id 
_pdbx_nonpoly_scheme.auth_mon_id 
_pdbx_nonpoly_scheme.pdb_strand_id 
_pdbx_nonpoly_scheme.pdb_ins_code 
C 2 CO  1  64 14 CO  CO  A . 
D 3 A4L 1  71 1  A4L A4L A . 
E 2 CO  1  63 13 CO  CO  B . 
F 4 BA  1  65 15 BA  BA  B . 
G 5 HOH 1  72 3  HOH HOH A . 
G 5 HOH 2  73 6  HOH HOH A . 
G 5 HOH 3  74 8  HOH HOH A . 
G 5 HOH 4  75 14 HOH HOH A . 
G 5 HOH 5  76 15 HOH HOH A . 
G 5 HOH 6  77 18 HOH HOH A . 
G 5 HOH 7  78 19 HOH HOH A . 
G 5 HOH 8  79 20 HOH HOH A . 
G 5 HOH 9  80 22 HOH HOH A . 
G 5 HOH 10 81 23 HOH HOH A . 
G 5 HOH 11 82 24 HOH HOH A . 
G 5 HOH 12 83 27 HOH HOH A . 
G 5 HOH 13 84 35 HOH HOH A . 
G 5 HOH 14 85 36 HOH HOH A . 
G 5 HOH 15 86 42 HOH HOH A . 
G 5 HOH 16 87 45 HOH HOH A . 
G 5 HOH 17 88 50 HOH HOH A . 
G 5 HOH 18 89 54 HOH HOH A . 
G 5 HOH 19 90 58 HOH HOH A . 
H 5 HOH 1  66 1  HOH HOH B . 
H 5 HOH 2  67 2  HOH HOH B . 
H 5 HOH 3  68 4  HOH HOH B . 
H 5 HOH 4  69 5  HOH HOH B . 
H 5 HOH 5  70 7  HOH HOH B . 
H 5 HOH 6  71 9  HOH HOH B . 
H 5 HOH 7  72 10 HOH HOH B . 
H 5 HOH 8  73 11 HOH HOH B . 
H 5 HOH 9  74 12 HOH HOH B . 
H 5 HOH 10 75 13 HOH HOH B . 
H 5 HOH 11 76 17 HOH HOH B . 
H 5 HOH 12 77 21 HOH HOH B . 
H 5 HOH 13 78 25 HOH HOH B . 
H 5 HOH 14 79 28 HOH HOH B . 
H 5 HOH 15 80 29 HOH HOH B . 
H 5 HOH 16 81 30 HOH HOH B . 
H 5 HOH 17 82 31 HOH HOH B . 
H 5 HOH 18 83 33 HOH HOH B . 
H 5 HOH 19 84 34 HOH HOH B . 
H 5 HOH 20 85 37 HOH HOH B . 
H 5 HOH 21 86 38 HOH HOH B . 
H 5 HOH 22 87 44 HOH HOH B . 
H 5 HOH 23 88 46 HOH HOH B . 
H 5 HOH 24 89 51 HOH HOH B . 
H 5 HOH 25 90 56 HOH HOH B . 
# 
loop_
_pdbx_unobs_or_zero_occ_atoms.id 
_pdbx_unobs_or_zero_occ_atoms.PDB_model_num 
_pdbx_unobs_or_zero_occ_atoms.polymer_flag 
_pdbx_unobs_or_zero_occ_atoms.occupancy_flag 
_pdbx_unobs_or_zero_occ_atoms.auth_asym_id 
_pdbx_unobs_or_zero_occ_atoms.auth_comp_id 
_pdbx_unobs_or_zero_occ_atoms.auth_seq_id 
_pdbx_unobs_or_zero_occ_atoms.PDB_ins_code 
_pdbx_unobs_or_zero_occ_atoms.auth_atom_id 
_pdbx_unobs_or_zero_occ_atoms.label_alt_id 
_pdbx_unobs_or_zero_occ_atoms.label_asym_id 
_pdbx_unobs_or_zero_occ_atoms.label_comp_id 
_pdbx_unobs_or_zero_occ_atoms.label_seq_id 
_pdbx_unobs_or_zero_occ_atoms.label_atom_id 
1  1 Y 1 A DC  1  ? "O5'" ? A DC  1 "O5'" 
2  1 Y 1 A DC  1  ? "C5'" ? A DC  1 "C5'" 
3  1 Y 1 A DC  1  ? "C4'" ? A DC  1 "C4'" 
4  1 Y 1 A DC  1  ? "O4'" ? A DC  1 "O4'" 
5  1 Y 1 A DC  1  ? "C3'" ? A DC  1 "C3'" 
6  1 Y 1 A DC  1  ? "C2'" ? A DC  1 "C2'" 
7  1 Y 1 A DC  1  ? "C1'" ? A DC  1 "C1'" 
8  1 Y 1 A DC  1  ? N1    ? A DC  1 N1    
9  1 Y 1 A DC  1  ? C2    ? A DC  1 C2    
10 1 Y 1 A DC  1  ? O2    ? A DC  1 O2    
11 1 Y 1 A DC  1  ? N3    ? A DC  1 N3    
12 1 Y 1 A DC  1  ? C4    ? A DC  1 C4    
13 1 Y 1 A DC  1  ? N4    ? A DC  1 N4    
14 1 Y 1 A DC  1  ? C5    ? A DC  1 C5    
15 1 Y 1 A DC  1  ? C6    ? A DC  1 C6    
16 1 N 1 A A4L 71 ? N1    ? D A4L 1 N1    
17 1 N 1 A A4L 71 ? C7    ? D A4L 1 C7    
18 1 N 1 A A4L 71 ? C15   ? D A4L 1 C15   
19 1 N 1 A A4L 71 ? C16   ? D A4L 1 C16   
20 1 N 1 A A4L 71 ? C18   ? D A4L 1 C18   
21 1 N 1 A A4L 71 ? C25   ? D A4L 1 C25   
22 1 N 1 A A4L 71 ? N2    ? D A4L 1 N2    
23 1 N 1 A A4L 71 ? N3    ? D A4L 1 N3    
24 1 N 1 A A4L 71 ? C27   ? D A4L 1 C27   
25 1 N 1 A A4L 71 ? C29   ? D A4L 1 C29   
26 1 N 1 A A4L 71 ? O1    ? D A4L 1 O1    
27 1 N 1 A A4L 71 ? N4    ? D A4L 1 N4    
28 1 N 1 A A4L 71 ? C30   ? D A4L 1 C30   
29 1 N 1 A A4L 71 ? C31   ? D A4L 1 C31   
30 1 N 1 A A4L 71 ? O2    ? D A4L 1 O2    
31 1 N 1 A A4L 71 ? C32   ? D A4L 1 C32   
32 1 N 1 A A4L 71 ? O3    ? D A4L 1 O3    
33 1 N 1 A A4L 71 ? C33   ? D A4L 1 C33   
34 1 N 1 A A4L 71 ? N5    ? D A4L 1 N5    
35 1 N 1 A A4L 71 ? O4    ? D A4L 1 O4    
36 1 N 1 A A4L 71 ? C34   ? D A4L 1 C34   
37 1 N 1 A A4L 71 ? C35   ? D A4L 1 C35   
38 1 N 1 A A4L 71 ? C36   ? D A4L 1 C36   
39 1 N 1 A A4L 71 ? C37   ? D A4L 1 C37   
40 1 N 1 A A4L 71 ? N6    ? D A4L 1 N6    
41 1 N 1 A A4L 71 ? C38   ? D A4L 1 C38   
42 1 N 1 A A4L 71 ? C39   ? D A4L 1 C39   
43 1 N 1 A A4L 71 ? C40   ? D A4L 1 C40   
44 1 N 1 A A4L 71 ? C41   ? D A4L 1 C41   
45 1 N 1 A A4L 71 ? N8    ? D A4L 1 N8    
46 1 N 1 A A4L 71 ? C42   ? D A4L 1 C42   
47 1 N 1 A A4L 71 ? C43   ? D A4L 1 C43   
48 1 N 1 A A4L 71 ? C44   ? D A4L 1 C44   
49 1 N 1 A A4L 71 ? C45   ? D A4L 1 C45   
50 1 N 1 A A4L 71 ? N9    ? D A4L 1 N9    
51 1 N 1 A A4L 71 ? C46   ? D A4L 1 C46   
52 1 N 1 A A4L 71 ? O5    ? D A4L 1 O5    
# 
loop_
_software.name 
_software.classification 
_software.version 
_software.citation_id 
_software.pdbx_ordinal 
REFMAC    refinement       5.1.24 ? 1 
DENZO     'data reduction' .      ? 2 
SCALEPACK 'data scaling'   .      ? 3 
# 
_cell.entry_id           1XCS 
_cell.length_a           28.659 
_cell.length_b           53.473 
_cell.length_c           40.691 
_cell.angle_alpha        90.00 
_cell.angle_beta         90.00 
_cell.angle_gamma        90.00 
_cell.Z_PDB              16 
_cell.pdbx_unique_axis   ? 
# 
_symmetry.entry_id                         1XCS 
_symmetry.space_group_name_H-M             'C 2 2 2' 
_symmetry.pdbx_full_space_group_name_H-M   ? 
_symmetry.cell_setting                     ? 
_symmetry.Int_Tables_number                21 
_symmetry.space_group_name_Hall            ? 
# 
_exptl.entry_id          1XCS 
_exptl.method            'X-RAY DIFFRACTION' 
_exptl.crystals_number   1 
# 
_exptl_crystal.id                    1 
_exptl_crystal.density_meas          ? 
_exptl_crystal.density_Matthews      2.15 
_exptl_crystal.density_percent_sol   42.90 
_exptl_crystal.description           ? 
_exptl_crystal.F_000                 ? 
_exptl_crystal.preparation           ? 
# 
_exptl_crystal_grow.crystal_id      1 
_exptl_crystal_grow.method          'VAPOR DIFFUSION, HANGING DROP' 
_exptl_crystal_grow.temp            293 
_exptl_crystal_grow.temp_details    ? 
_exptl_crystal_grow.pH              7 
_exptl_crystal_grow.pdbx_details    
'MPD, barium chloride, cobalt chloride, drug, pH 7, VAPOR DIFFUSION, HANGING DROP, temperature 293K' 
_exptl_crystal_grow.pdbx_pH_range   . 
# 
loop_
_exptl_crystal_grow_comp.crystal_id 
_exptl_crystal_grow_comp.id 
_exptl_crystal_grow_comp.sol_id 
_exptl_crystal_grow_comp.name 
_exptl_crystal_grow_comp.volume 
_exptl_crystal_grow_comp.conc 
_exptl_crystal_grow_comp.details 
1 1 1 MPD               ? ? ? 
1 2 1 'barium chloride' ? ? ? 
1 3 1 'cobalt chloride' ? ? ? 
1 4 1 drug              ? ? ? 
1 5 2 MPD               ? ? ? 
1 6 2 'barium chloride' ? ? ? 
1 7 2 'cobalt chloride' ? ? ? 
1 8 2 drug              ? ? ? 
# 
_diffrn.id                     1 
_diffrn.ambient_temp           120 
_diffrn.ambient_temp_details   ? 
_diffrn.crystal_id             1 
# 
_diffrn_radiation.diffrn_id                        1 
_diffrn_radiation.wavelength_id                    1 
_diffrn_radiation.pdbx_monochromatic_or_laue_m_l   M 
_diffrn_radiation.monochromator                    ? 
_diffrn_radiation.pdbx_diffrn_protocol             'SINGLE WAVELENGTH' 
_diffrn_radiation.pdbx_scattering_type             x-ray 
# 
_diffrn_radiation_wavelength.id           1 
_diffrn_radiation_wavelength.wavelength   0.80000 
_diffrn_radiation_wavelength.wt           1.0 
# 
_diffrn_source.diffrn_id                   1 
_diffrn_source.source                      SYNCHROTRON 
_diffrn_source.type                        'EMBL/DESY, HAMBURG BEAMLINE X11' 
_diffrn_source.pdbx_synchrotron_site       'EMBL/DESY, HAMBURG' 
_diffrn_source.pdbx_synchrotron_beamline   X11 
_diffrn_source.pdbx_wavelength             ? 
_diffrn_source.pdbx_wavelength_list        0.80000 
# 
_reflns.entry_id                     1XCS 
_reflns.observed_criterion_sigma_F   ? 
_reflns.observed_criterion_sigma_I   ? 
_reflns.d_resolution_high            1.4 
_reflns.d_resolution_low             40.82 
_reflns.number_all                   ? 
_reflns.number_obs                   6152 
_reflns.percent_possible_obs         ? 
_reflns.pdbx_Rmerge_I_obs            ? 
_reflns.pdbx_Rsym_value              0.082 
_reflns.pdbx_netI_over_sigmaI        ? 
_reflns.B_iso_Wilson_estimate        ? 
_reflns.pdbx_redundancy              ? 
_reflns.R_free_details               ? 
_reflns.pdbx_chi_squared             ? 
_reflns.pdbx_scaling_rejects         ? 
_reflns.pdbx_diffrn_id               1 
_reflns.pdbx_ordinal                 1 
# 
_reflns_shell.d_res_high             1.40 
_reflns_shell.d_res_low              1.45 
_reflns_shell.percent_possible_all   ? 
_reflns_shell.Rmerge_I_obs           ? 
_reflns_shell.pdbx_Rsym_value        0.117 
_reflns_shell.meanI_over_sigI_obs    ? 
_reflns_shell.pdbx_redundancy        ? 
_reflns_shell.percent_possible_obs   ? 
_reflns_shell.number_unique_all      ? 
_reflns_shell.number_measured_all    ? 
_reflns_shell.number_measured_obs    ? 
_reflns_shell.number_unique_obs      ? 
_reflns_shell.pdbx_chi_squared       ? 
_reflns_shell.pdbx_diffrn_id         ? 
_reflns_shell.pdbx_ordinal           1 
# 
_refine.entry_id                                 1XCS 
_refine.ls_number_reflns_obs                     5550 
_refine.ls_number_reflns_all                     ? 
_refine.pdbx_ls_sigma_I                          ? 
_refine.pdbx_ls_sigma_F                          ? 
_refine.pdbx_data_cutoff_high_absF               ? 
_refine.pdbx_data_cutoff_low_absF                ? 
_refine.pdbx_data_cutoff_high_rms_absF           ? 
_refine.ls_d_res_low                             40.82 
_refine.ls_d_res_high                            1.40 
_refine.ls_percent_reflns_obs                    96.09 
_refine.ls_R_factor_obs                          0.19882 
_refine.ls_R_factor_all                          0.202 
_refine.ls_R_factor_R_work                       0.19348 
_refine.ls_R_factor_R_free                       0.25091 
_refine.ls_R_factor_R_free_error                 ? 
_refine.ls_R_factor_R_free_error_details         ? 
_refine.ls_percent_reflns_R_free                 9.8 
_refine.ls_number_reflns_R_free                  602 
_refine.ls_number_parameters                     ? 
_refine.ls_number_restraints                     ? 
_refine.occupancy_min                            ? 
_refine.occupancy_max                            ? 
_refine.correlation_coeff_Fo_to_Fc               0.962 
_refine.correlation_coeff_Fo_to_Fc_free          0.940 
_refine.B_iso_mean                               21.894 
_refine.aniso_B[1][1]                            1.02 
_refine.aniso_B[2][2]                            -0.40 
_refine.aniso_B[3][3]                            -0.63 
_refine.aniso_B[1][2]                            0.00 
_refine.aniso_B[1][3]                            0.00 
_refine.aniso_B[2][3]                            0.00 
_refine.solvent_model_details                    'BABINET MODEL WITH MASK' 
_refine.solvent_model_param_ksol                 ? 
_refine.solvent_model_param_bsol                 ? 
_refine.pdbx_solvent_vdw_probe_radii             1.40 
_refine.pdbx_solvent_ion_probe_radii             0.80 
_refine.pdbx_solvent_shrinkage_radii             0.80 
_refine.pdbx_ls_cross_valid_method               THROUGHOUT 
_refine.details                                  'HYDROGENS HAVE BEEN ADDED IN THE RIDING POSITIONS' 
_refine.pdbx_starting_model                      ? 
_refine.pdbx_method_to_determine_struct          'MOLECULAR REPLACEMENT' 
_refine.pdbx_isotropic_thermal_model             ? 
_refine.pdbx_stereochemistry_target_values       'MAXIMUM LIKELIHOOD' 
_refine.pdbx_stereochem_target_val_spec_case     ? 
_refine.pdbx_R_Free_selection_details            RANDOM 
_refine.pdbx_overall_ESU_R                       0.092 
_refine.pdbx_overall_ESU_R_Free                  0.086 
_refine.overall_SU_ML                            0.046 
_refine.overall_SU_B                             1.112 
_refine.ls_redundancy_reflns_obs                 ? 
_refine.overall_SU_R_Cruickshank_DPI             ? 
_refine.overall_SU_R_free                        ? 
_refine.ls_wR_factor_R_free                      ? 
_refine.ls_wR_factor_R_work                      ? 
_refine.overall_FOM_free_R_set                   ? 
_refine.overall_FOM_work_R_set                   ? 
_refine.pdbx_refine_id                           'X-RAY DIFFRACTION' 
_refine.pdbx_diffrn_id                           1 
_refine.pdbx_TLS_residual_ADP_flag               ? 
_refine.pdbx_overall_phase_error                 ? 
_refine.pdbx_overall_SU_R_free_Cruickshank_DPI   ? 
_refine.pdbx_overall_SU_R_Blow_DPI               ? 
_refine.pdbx_overall_SU_R_free_Blow_DPI          ? 
# 
_refine_hist.pdbx_refine_id                   'X-RAY DIFFRACTION' 
_refine_hist.cycle_id                         LAST 
_refine_hist.pdbx_number_atoms_protein        0 
_refine_hist.pdbx_number_atoms_nucleic_acid   225 
_refine_hist.pdbx_number_atoms_ligand         31 
_refine_hist.number_atoms_solvent             44 
_refine_hist.number_atoms_total               300 
_refine_hist.d_res_high                       1.40 
_refine_hist.d_res_low                        40.82 
# 
loop_
_refine_ls_restr.type 
_refine_ls_restr.dev_ideal 
_refine_ls_restr.dev_ideal_target 
_refine_ls_restr.weight 
_refine_ls_restr.number 
_refine_ls_restr.pdbx_refine_id 
_refine_ls_restr.pdbx_restraint_function 
r_bond_refined_d         0.010 0.021 ? 281 'X-RAY DIFFRACTION' ? 
r_bond_other_d           0.004 0.020 ? 131 'X-RAY DIFFRACTION' ? 
r_angle_refined_deg      2.147 3.000 ? 426 'X-RAY DIFFRACTION' ? 
r_angle_other_deg        1.611 3.000 ? 322 'X-RAY DIFFRACTION' ? 
r_chiral_restr           0.093 0.200 ? 34  'X-RAY DIFFRACTION' ? 
r_gen_planes_refined     0.014 0.020 ? 144 'X-RAY DIFFRACTION' ? 
r_gen_planes_other       0.012 0.020 ? 12  'X-RAY DIFFRACTION' ? 
r_nbd_refined            0.198 0.200 ? 82  'X-RAY DIFFRACTION' ? 
r_nbd_other              0.257 0.200 ? 185 'X-RAY DIFFRACTION' ? 
r_nbtor_other            0.129 0.200 ? 124 'X-RAY DIFFRACTION' ? 
r_xyhbond_nbd_refined    0.153 0.200 ? 30  'X-RAY DIFFRACTION' ? 
r_metal_ion_refined      0.215 0.200 ? 1   'X-RAY DIFFRACTION' ? 
r_symmetry_vdw_refined   0.169 0.200 ? 36  'X-RAY DIFFRACTION' ? 
r_symmetry_vdw_other     0.266 0.200 ? 41  'X-RAY DIFFRACTION' ? 
r_symmetry_hbond_refined 0.679 0.200 ? 9   'X-RAY DIFFRACTION' ? 
r_scbond_it              1.994 3.000 ? 281 'X-RAY DIFFRACTION' ? 
r_scangle_it             2.875 4.500 ? 426 'X-RAY DIFFRACTION' ? 
r_rigid_bond_restr       1.221 2.000 ? 281 'X-RAY DIFFRACTION' ? 
r_sphericity_free        3.403 2.000 ? 47  'X-RAY DIFFRACTION' ? 
r_sphericity_bonded      3.127 2.000 ? 253 'X-RAY DIFFRACTION' ? 
# 
_refine_ls_shell.pdbx_total_number_of_bins_used   20 
_refine_ls_shell.d_res_high                       1.403 
_refine_ls_shell.d_res_low                        1.440 
_refine_ls_shell.number_reflns_R_work             395 
_refine_ls_shell.R_factor_R_work                  0.168 
_refine_ls_shell.percent_reflns_obs               ? 
_refine_ls_shell.R_factor_R_free                  0.206 
_refine_ls_shell.R_factor_R_free_error            ? 
_refine_ls_shell.percent_reflns_R_free            ? 
_refine_ls_shell.number_reflns_R_free             48 
_refine_ls_shell.redundancy_reflns_obs            ? 
_refine_ls_shell.pdbx_refine_id                   'X-RAY DIFFRACTION' 
_refine_ls_shell.number_reflns_all                ? 
_refine_ls_shell.R_factor_all                     ? 
# 
_struct.entry_id                  1XCS 
_struct.title                     'structure of oligonucleotide/drug complex' 
_struct.pdbx_model_details        ? 
_struct.pdbx_CASP_flag            ? 
_struct.pdbx_model_type_details   ? 
# 
_struct_keywords.entry_id        1XCS 
_struct_keywords.pdbx_keywords   DNA 
_struct_keywords.text            'DRUG-DNA COMPLEX, DOUBLE HELIX, CO2+, DNA' 
# 
loop_
_struct_asym.id 
_struct_asym.pdbx_blank_PDB_chainid_flag 
_struct_asym.pdbx_modified 
_struct_asym.entity_id 
_struct_asym.details 
A N N 1 ? 
B N N 1 ? 
C N N 2 ? 
D N N 3 ? 
E N N 2 ? 
F N N 4 ? 
G N N 5 ? 
H N N 5 ? 
# 
_struct_ref.id                         1 
_struct_ref.entity_id                  1 
_struct_ref.db_name                    PDB 
_struct_ref.db_code                    1XCS 
_struct_ref.pdbx_db_accession          1XCS 
_struct_ref.pdbx_db_isoform            ? 
_struct_ref.pdbx_seq_one_letter_code   ? 
_struct_ref.pdbx_align_begin           ? 
# 
loop_
_struct_ref_seq.align_id 
_struct_ref_seq.ref_id 
_struct_ref_seq.pdbx_PDB_id_code 
_struct_ref_seq.pdbx_strand_id 
_struct_ref_seq.seq_align_beg 
_struct_ref_seq.pdbx_seq_align_beg_ins_code 
_struct_ref_seq.seq_align_end 
_struct_ref_seq.pdbx_seq_align_end_ins_code 
_struct_ref_seq.pdbx_db_accession 
_struct_ref_seq.db_align_beg 
_struct_ref_seq.pdbx_db_align_beg_ins_code 
_struct_ref_seq.db_align_end 
_struct_ref_seq.pdbx_db_align_end_ins_code 
_struct_ref_seq.pdbx_auth_seq_align_beg 
_struct_ref_seq.pdbx_auth_seq_align_end 
1 1 1XCS A 1 ? 6 ? 1XCS 1 ? 6  ? 1 6  
2 1 1XCS B 1 ? 6 ? 1XCS 7 ? 12 ? 7 12 
# 
_pdbx_struct_assembly.id                   1 
_pdbx_struct_assembly.details              author_defined_assembly 
_pdbx_struct_assembly.method_details       ? 
_pdbx_struct_assembly.oligomeric_details   dimeric 
_pdbx_struct_assembly.oligomeric_count     2 
# 
_pdbx_struct_assembly_gen.assembly_id       1 
_pdbx_struct_assembly_gen.oper_expression   1 
_pdbx_struct_assembly_gen.asym_id_list      A,B,C,D,E,F,G,H 
# 
_pdbx_struct_oper_list.id                   1 
_pdbx_struct_oper_list.type                 'identity operation' 
_pdbx_struct_oper_list.name                 1_555 
_pdbx_struct_oper_list.symmetry_operation   x,y,z 
_pdbx_struct_oper_list.matrix[1][1]         1.0000000000 
_pdbx_struct_oper_list.matrix[1][2]         0.0000000000 
_pdbx_struct_oper_list.matrix[1][3]         0.0000000000 
_pdbx_struct_oper_list.vector[1]            0.0000000000 
_pdbx_struct_oper_list.matrix[2][1]         0.0000000000 
_pdbx_struct_oper_list.matrix[2][2]         1.0000000000 
_pdbx_struct_oper_list.matrix[2][3]         0.0000000000 
_pdbx_struct_oper_list.vector[2]            0.0000000000 
_pdbx_struct_oper_list.matrix[3][1]         0.0000000000 
_pdbx_struct_oper_list.matrix[3][2]         0.0000000000 
_pdbx_struct_oper_list.matrix[3][3]         1.0000000000 
_pdbx_struct_oper_list.vector[3]            0.0000000000 
# 
_struct_biol.id                    1 
_struct_biol.pdbx_parent_biol_id   ? 
_struct_biol.details               ? 
# 
loop_
_struct_conn.id 
_struct_conn.conn_type_id 
_struct_conn.pdbx_leaving_atom_flag 
_struct_conn.pdbx_PDB_id 
_struct_conn.ptnr1_label_asym_id 
_struct_conn.ptnr1_label_comp_id 
_struct_conn.ptnr1_label_seq_id 
_struct_conn.ptnr1_label_atom_id 
_struct_conn.pdbx_ptnr1_label_alt_id 
_struct_conn.pdbx_ptnr1_PDB_ins_code 
_struct_conn.pdbx_ptnr1_standard_comp_id 
_struct_conn.ptnr1_symmetry 
_struct_conn.ptnr2_label_asym_id 
_struct_conn.ptnr2_label_comp_id 
_struct_conn.ptnr2_label_seq_id 
_struct_conn.ptnr2_label_atom_id 
_struct_conn.pdbx_ptnr2_label_alt_id 
_struct_conn.pdbx_ptnr2_PDB_ins_code 
_struct_conn.ptnr1_auth_asym_id 
_struct_conn.ptnr1_auth_comp_id 
_struct_conn.ptnr1_auth_seq_id 
_struct_conn.ptnr2_auth_asym_id 
_struct_conn.ptnr2_auth_comp_id 
_struct_conn.ptnr2_auth_seq_id 
_struct_conn.ptnr2_symmetry 
_struct_conn.pdbx_ptnr3_label_atom_id 
_struct_conn.pdbx_ptnr3_label_seq_id 
_struct_conn.pdbx_ptnr3_label_comp_id 
_struct_conn.pdbx_ptnr3_label_asym_id 
_struct_conn.pdbx_ptnr3_label_alt_id 
_struct_conn.pdbx_ptnr3_PDB_ins_code 
_struct_conn.details 
_struct_conn.pdbx_dist_value 
_struct_conn.pdbx_value_order 
_struct_conn.pdbx_role 
metalc1  metalc ? ? A DG 2 N7  ? ? ? 1_555 C CO  . CO ? ? A DG 2  A CO  64 1_555 ? ? ? ? ? ? ?            2.153 ? ? 
metalc2  metalc ? ? C CO . CO  ? ? ? 1_555 G HOH . O  ? ? A CO 64 A HOH 72 1_555 ? ? ? ? ? ? ?            2.183 ? ? 
metalc3  metalc ? ? C CO . CO  ? ? ? 1_555 G HOH . O  ? ? A CO 64 A HOH 78 1_555 ? ? ? ? ? ? ?            2.158 ? ? 
metalc4  metalc ? ? C CO . CO  ? ? ? 1_555 G HOH . O  ? ? A CO 64 A HOH 79 1_555 ? ? ? ? ? ? ?            2.137 ? ? 
metalc5  metalc ? ? C CO . CO  ? ? ? 1_555 G HOH . O  ? ? A CO 64 A HOH 89 1_555 ? ? ? ? ? ? ?            1.902 ? ? 
metalc6  metalc ? ? C CO . CO  ? ? ? 1_555 G HOH . O  ? ? A CO 64 A HOH 90 1_555 ? ? ? ? ? ? ?            1.985 ? ? 
metalc7  metalc ? ? B DG 2 OP2 ? ? ? 1_555 F BA  . BA ? ? B DG 8  B BA  65 1_555 ? ? ? ? ? ? ?            2.768 ? ? 
metalc8  metalc ? ? B DG 2 OP2 ? ? ? 3_656 F BA  . BA ? ? B DG 8  B BA  65 1_555 ? ? ? ? ? ? ?            2.784 ? ? 
metalc9  metalc ? ? B DG 2 OP2 ? ? ? 4_556 F BA  . BA ? ? B DG 8  B BA  65 1_555 ? ? ? ? ? ? ?            2.776 ? ? 
metalc10 metalc ? ? B DG 2 OP2 ? ? ? 2_655 F BA  . BA ? ? B DG 8  B BA  65 1_555 ? ? ? ? ? ? ?            2.791 ? ? 
metalc11 metalc ? ? B DG 6 N7  ? ? ? 1_555 E CO  . CO ? ? B DG 12 B CO  63 1_555 ? ? ? ? ? ? ?            2.140 ? ? 
metalc12 metalc ? ? B DG 6 N7  ? ? ? 3_755 E CO  . CO ? ? B DG 12 B CO  63 1_555 ? ? ? ? ? ? ?            2.130 ? ? 
metalc13 metalc ? ? E CO . CO  ? ? ? 1_555 H HOH . O  ? ? B CO 63 B HOH 66 1_555 ? ? ? ? ? ? ?            2.145 ? ? 
metalc14 metalc ? ? E CO . CO  ? ? ? 1_555 H HOH . O  ? ? B CO 63 B HOH 66 3_755 ? ? ? ? ? ? ?            2.132 ? ? 
metalc15 metalc ? ? E CO . CO  ? ? ? 1_555 H HOH . O  ? ? B CO 63 B HOH 67 1_555 ? ? ? ? ? ? ?            2.050 ? ? 
metalc16 metalc ? ? E CO . CO  ? ? ? 1_555 H HOH . O  ? ? B CO 63 B HOH 67 3_755 ? ? ? ? ? ? ?            2.036 ? ? 
hydrog1  hydrog ? ? A DG 2 N1  ? ? ? 1_555 B DC  5 N3 ? ? A DG 2  B DC  11 1_555 ? ? ? ? ? ? WATSON-CRICK ?     ? ? 
hydrog2  hydrog ? ? A DG 2 N2  ? ? ? 1_555 B DC  5 O2 ? ? A DG 2  B DC  11 1_555 ? ? ? ? ? ? WATSON-CRICK ?     ? ? 
hydrog3  hydrog ? ? A DG 2 O6  ? ? ? 1_555 B DC  5 N4 ? ? A DG 2  B DC  11 1_555 ? ? ? ? ? ? WATSON-CRICK ?     ? ? 
hydrog4  hydrog ? ? A DT 3 N3  ? ? ? 1_555 B DA  4 N1 ? ? A DT 3  B DA  10 1_555 ? ? ? ? ? ? WATSON-CRICK ?     ? ? 
hydrog5  hydrog ? ? A DT 3 O4  ? ? ? 1_555 B DA  4 N6 ? ? A DT 3  B DA  10 1_555 ? ? ? ? ? ? WATSON-CRICK ?     ? ? 
hydrog6  hydrog ? ? A DA 4 N1  ? ? ? 1_555 B DT  3 N3 ? ? A DA 4  B DT  9  1_555 ? ? ? ? ? ? WATSON-CRICK ?     ? ? 
hydrog7  hydrog ? ? A DA 4 N6  ? ? ? 1_555 B DT  3 O4 ? ? A DA 4  B DT  9  1_555 ? ? ? ? ? ? WATSON-CRICK ?     ? ? 
hydrog8  hydrog ? ? A DC 5 N3  ? ? ? 1_555 B DG  2 N1 ? ? A DC 5  B DG  8  1_555 ? ? ? ? ? ? WATSON-CRICK ?     ? ? 
hydrog9  hydrog ? ? A DC 5 N4  ? ? ? 1_555 B DG  2 O6 ? ? A DC 5  B DG  8  1_555 ? ? ? ? ? ? WATSON-CRICK ?     ? ? 
hydrog10 hydrog ? ? A DC 5 O2  ? ? ? 1_555 B DG  2 N2 ? ? A DC 5  B DG  8  1_555 ? ? ? ? ? ? WATSON-CRICK ?     ? ? 
# 
loop_
_struct_conn_type.id 
_struct_conn_type.criteria 
_struct_conn_type.reference 
metalc ? ? 
hydrog ? ? 
# 
loop_
_pdbx_struct_conn_angle.id 
_pdbx_struct_conn_angle.ptnr1_label_atom_id 
_pdbx_struct_conn_angle.ptnr1_label_alt_id 
_pdbx_struct_conn_angle.ptnr1_label_asym_id 
_pdbx_struct_conn_angle.ptnr1_label_comp_id 
_pdbx_struct_conn_angle.ptnr1_label_seq_id 
_pdbx_struct_conn_angle.ptnr1_auth_atom_id 
_pdbx_struct_conn_angle.ptnr1_auth_asym_id 
_pdbx_struct_conn_angle.ptnr1_auth_comp_id 
_pdbx_struct_conn_angle.ptnr1_auth_seq_id 
_pdbx_struct_conn_angle.ptnr1_PDB_ins_code 
_pdbx_struct_conn_angle.ptnr1_symmetry 
_pdbx_struct_conn_angle.ptnr2_label_atom_id 
_pdbx_struct_conn_angle.ptnr2_label_alt_id 
_pdbx_struct_conn_angle.ptnr2_label_asym_id 
_pdbx_struct_conn_angle.ptnr2_label_comp_id 
_pdbx_struct_conn_angle.ptnr2_label_seq_id 
_pdbx_struct_conn_angle.ptnr2_auth_atom_id 
_pdbx_struct_conn_angle.ptnr2_auth_asym_id 
_pdbx_struct_conn_angle.ptnr2_auth_comp_id 
_pdbx_struct_conn_angle.ptnr2_auth_seq_id 
_pdbx_struct_conn_angle.ptnr2_PDB_ins_code 
_pdbx_struct_conn_angle.ptnr2_symmetry 
_pdbx_struct_conn_angle.ptnr3_label_atom_id 
_pdbx_struct_conn_angle.ptnr3_label_alt_id 
_pdbx_struct_conn_angle.ptnr3_label_asym_id 
_pdbx_struct_conn_angle.ptnr3_label_comp_id 
_pdbx_struct_conn_angle.ptnr3_label_seq_id 
_pdbx_struct_conn_angle.ptnr3_auth_atom_id 
_pdbx_struct_conn_angle.ptnr3_auth_asym_id 
_pdbx_struct_conn_angle.ptnr3_auth_comp_id 
_pdbx_struct_conn_angle.ptnr3_auth_seq_id 
_pdbx_struct_conn_angle.ptnr3_PDB_ins_code 
_pdbx_struct_conn_angle.ptnr3_symmetry 
_pdbx_struct_conn_angle.value 
_pdbx_struct_conn_angle.value_esd 
1  N7  ? A DG  2 ? A DG  2  ? 1_555 CO ? C CO . ? A CO 64 ? 1_555 O   ? G HOH . ? A HOH 72 ? 1_555 91.1  ? 
2  N7  ? A DG  2 ? A DG  2  ? 1_555 CO ? C CO . ? A CO 64 ? 1_555 O   ? G HOH . ? A HOH 78 ? 1_555 90.1  ? 
3  O   ? G HOH . ? A HOH 72 ? 1_555 CO ? C CO . ? A CO 64 ? 1_555 O   ? G HOH . ? A HOH 78 ? 1_555 90.1  ? 
4  N7  ? A DG  2 ? A DG  2  ? 1_555 CO ? C CO . ? A CO 64 ? 1_555 O   ? G HOH . ? A HOH 79 ? 1_555 90.4  ? 
5  O   ? G HOH . ? A HOH 72 ? 1_555 CO ? C CO . ? A CO 64 ? 1_555 O   ? G HOH . ? A HOH 79 ? 1_555 90.9  ? 
6  O   ? G HOH . ? A HOH 78 ? 1_555 CO ? C CO . ? A CO 64 ? 1_555 O   ? G HOH . ? A HOH 79 ? 1_555 178.9 ? 
7  N7  ? A DG  2 ? A DG  2  ? 1_555 CO ? C CO . ? A CO 64 ? 1_555 O   ? G HOH . ? A HOH 89 ? 1_555 95.9  ? 
8  O   ? G HOH . ? A HOH 72 ? 1_555 CO ? C CO . ? A CO 64 ? 1_555 O   ? G HOH . ? A HOH 89 ? 1_555 171.6 ? 
9  O   ? G HOH . ? A HOH 78 ? 1_555 CO ? C CO . ? A CO 64 ? 1_555 O   ? G HOH . ? A HOH 89 ? 1_555 85.3  ? 
10 O   ? G HOH . ? A HOH 79 ? 1_555 CO ? C CO . ? A CO 64 ? 1_555 O   ? G HOH . ? A HOH 89 ? 1_555 93.7  ? 
11 N7  ? A DG  2 ? A DG  2  ? 1_555 CO ? C CO . ? A CO 64 ? 1_555 O   ? G HOH . ? A HOH 90 ? 1_555 176.7 ? 
12 O   ? G HOH . ? A HOH 72 ? 1_555 CO ? C CO . ? A CO 64 ? 1_555 O   ? G HOH . ? A HOH 90 ? 1_555 90.7  ? 
13 O   ? G HOH . ? A HOH 78 ? 1_555 CO ? C CO . ? A CO 64 ? 1_555 O   ? G HOH . ? A HOH 90 ? 1_555 92.7  ? 
14 O   ? G HOH . ? A HOH 79 ? 1_555 CO ? C CO . ? A CO 64 ? 1_555 O   ? G HOH . ? A HOH 90 ? 1_555 86.7  ? 
15 O   ? G HOH . ? A HOH 89 ? 1_555 CO ? C CO . ? A CO 64 ? 1_555 O   ? G HOH . ? A HOH 90 ? 1_555 82.6  ? 
16 OP2 ? B DG  2 ? B DG  8  ? 1_555 BA ? F BA . ? B BA 65 ? 1_555 OP2 ? B DG  2 ? B DG  8  ? 3_656 109.7 ? 
17 OP2 ? B DG  2 ? B DG  8  ? 1_555 BA ? F BA . ? B BA 65 ? 1_555 OP2 ? B DG  2 ? B DG  8  ? 4_556 70.8  ? 
18 OP2 ? B DG  2 ? B DG  8  ? 3_656 BA ? F BA . ? B BA 65 ? 1_555 OP2 ? B DG  2 ? B DG  8  ? 4_556 176.7 ? 
19 OP2 ? B DG  2 ? B DG  8  ? 1_555 BA ? F BA . ? B BA 65 ? 1_555 OP2 ? B DG  2 ? B DG  8  ? 2_655 177.4 ? 
20 OP2 ? B DG  2 ? B DG  8  ? 3_656 BA ? F BA . ? B BA 65 ? 1_555 OP2 ? B DG  2 ? B DG  8  ? 2_655 70.4  ? 
21 OP2 ? B DG  2 ? B DG  8  ? 4_556 BA ? F BA . ? B BA 65 ? 1_555 OP2 ? B DG  2 ? B DG  8  ? 2_655 109.2 ? 
22 N7  ? B DG  6 ? B DG  12 ? 1_555 CO ? E CO . ? B CO 63 ? 1_555 N7  ? B DG  6 ? B DG  12 ? 3_755 177.1 ? 
23 N7  ? B DG  6 ? B DG  12 ? 1_555 CO ? E CO . ? B CO 63 ? 1_555 O   ? H HOH . ? B HOH 66 ? 1_555 92.2  ? 
24 N7  ? B DG  6 ? B DG  12 ? 3_755 CO ? E CO . ? B CO 63 ? 1_555 O   ? H HOH . ? B HOH 66 ? 1_555 89.5  ? 
25 N7  ? B DG  6 ? B DG  12 ? 1_555 CO ? E CO . ? B CO 63 ? 1_555 O   ? H HOH . ? B HOH 66 ? 3_755 89.6  ? 
26 N7  ? B DG  6 ? B DG  12 ? 3_755 CO ? E CO . ? B CO 63 ? 1_555 O   ? H HOH . ? B HOH 66 ? 3_755 92.8  ? 
27 O   ? H HOH . ? B HOH 66 ? 1_555 CO ? E CO . ? B CO 63 ? 1_555 O   ? H HOH . ? B HOH 66 ? 3_755 88.4  ? 
28 N7  ? B DG  6 ? B DG  12 ? 1_555 CO ? E CO . ? B CO 63 ? 1_555 O   ? H HOH . ? B HOH 67 ? 1_555 89.6  ? 
29 N7  ? B DG  6 ? B DG  12 ? 3_755 CO ? E CO . ? B CO 63 ? 1_555 O   ? H HOH . ? B HOH 67 ? 1_555 88.1  ? 
30 O   ? H HOH . ? B HOH 66 ? 1_555 CO ? E CO . ? B CO 63 ? 1_555 O   ? H HOH . ? B HOH 67 ? 1_555 86.8  ? 
31 O   ? H HOH . ? B HOH 66 ? 3_755 CO ? E CO . ? B CO 63 ? 1_555 O   ? H HOH . ? B HOH 67 ? 1_555 175.1 ? 
32 N7  ? B DG  6 ? B DG  12 ? 1_555 CO ? E CO . ? B CO 63 ? 1_555 O   ? H HOH . ? B HOH 67 ? 3_755 88.2  ? 
33 N7  ? B DG  6 ? B DG  12 ? 3_755 CO ? E CO . ? B CO 63 ? 1_555 O   ? H HOH . ? B HOH 67 ? 3_755 90.3  ? 
34 O   ? H HOH . ? B HOH 66 ? 1_555 CO ? E CO . ? B CO 63 ? 1_555 O   ? H HOH . ? B HOH 67 ? 3_755 175.8 ? 
35 O   ? H HOH . ? B HOH 66 ? 3_755 CO ? E CO . ? B CO 63 ? 1_555 O   ? H HOH . ? B HOH 67 ? 3_755 87.5  ? 
36 O   ? H HOH . ? B HOH 67 ? 1_555 CO ? E CO . ? B CO 63 ? 1_555 O   ? H HOH . ? B HOH 67 ? 3_755 97.4  ? 
# 
loop_
_struct_site.id 
_struct_site.pdbx_evidence_code 
_struct_site.pdbx_auth_asym_id 
_struct_site.pdbx_auth_comp_id 
_struct_site.pdbx_auth_seq_id 
_struct_site.pdbx_auth_ins_code 
_struct_site.pdbx_num_residues 
_struct_site.details 
AC1 Software B CO  63 ? 6 'BINDING SITE FOR RESIDUE CO B 63'  
AC2 Software A CO  64 ? 6 'BINDING SITE FOR RESIDUE CO A 64'  
AC3 Software B BA  65 ? 4 'BINDING SITE FOR RESIDUE BA B 65'  
AC4 Software A A4L 71 ? 8 'BINDING SITE FOR RESIDUE A4L A 71' 
1   ?        ? ?   ?  ? ? ?                                   
# 
loop_
_struct_site_gen.id 
_struct_site_gen.site_id 
_struct_site_gen.pdbx_num_res 
_struct_site_gen.label_comp_id 
_struct_site_gen.label_asym_id 
_struct_site_gen.label_seq_id 
_struct_site_gen.pdbx_auth_ins_code 
_struct_site_gen.auth_comp_id 
_struct_site_gen.auth_asym_id 
_struct_site_gen.auth_seq_id 
_struct_site_gen.label_atom_id 
_struct_site_gen.label_alt_id 
_struct_site_gen.symmetry 
_struct_site_gen.details 
1  AC1 6 DG  B 6 ? DG  B 12 . ? 1_555 ? 
2  AC1 6 DG  B 6 ? DG  B 12 . ? 3_755 ? 
3  AC1 6 HOH H . ? HOH B 66 . ? 1_555 ? 
4  AC1 6 HOH H . ? HOH B 66 . ? 3_755 ? 
5  AC1 6 HOH H . ? HOH B 67 . ? 3_755 ? 
6  AC1 6 HOH H . ? HOH B 67 . ? 1_555 ? 
7  AC2 6 DG  A 2 ? DG  A 2  . ? 1_555 ? 
8  AC2 6 HOH G . ? HOH A 72 . ? 1_555 ? 
9  AC2 6 HOH G . ? HOH A 78 . ? 1_555 ? 
10 AC2 6 HOH G . ? HOH A 79 . ? 1_555 ? 
11 AC2 6 HOH G . ? HOH A 89 . ? 1_555 ? 
12 AC2 6 HOH G . ? HOH A 90 . ? 1_555 ? 
13 AC3 4 DG  B 2 ? DG  B 8  . ? 2_655 ? 
14 AC3 4 DG  B 2 ? DG  B 8  . ? 3_656 ? 
15 AC3 4 DG  B 2 ? DG  B 8  . ? 4_556 ? 
16 AC3 4 DG  B 2 ? DG  B 8  . ? 1_555 ? 
17 AC4 8 DT  A 3 ? DT  A 3  . ? 6_555 ? 
18 AC4 8 DC  A 5 ? DC  A 5  . ? 1_555 ? 
19 AC4 8 DC  A 5 ? DC  A 5  . ? 2_655 ? 
20 AC4 8 DG  A 6 ? DG  A 6  . ? 1_555 ? 
21 AC4 8 DG  A 6 ? DG  A 6  . ? 2_655 ? 
22 AC4 8 DC  B 1 ? DC  B 7  . ? 3_656 ? 
23 AC4 8 DG  B 2 ? DG  B 8  . ? 1_555 ? 
24 AC4 8 DG  B 2 ? DG  B 8  . ? 2_655 ? 
# 
loop_
_pdbx_validate_rmsd_angle.id 
_pdbx_validate_rmsd_angle.PDB_model_num 
_pdbx_validate_rmsd_angle.auth_atom_id_1 
_pdbx_validate_rmsd_angle.auth_asym_id_1 
_pdbx_validate_rmsd_angle.auth_comp_id_1 
_pdbx_validate_rmsd_angle.auth_seq_id_1 
_pdbx_validate_rmsd_angle.PDB_ins_code_1 
_pdbx_validate_rmsd_angle.label_alt_id_1 
_pdbx_validate_rmsd_angle.auth_atom_id_2 
_pdbx_validate_rmsd_angle.auth_asym_id_2 
_pdbx_validate_rmsd_angle.auth_comp_id_2 
_pdbx_validate_rmsd_angle.auth_seq_id_2 
_pdbx_validate_rmsd_angle.PDB_ins_code_2 
_pdbx_validate_rmsd_angle.label_alt_id_2 
_pdbx_validate_rmsd_angle.auth_atom_id_3 
_pdbx_validate_rmsd_angle.auth_asym_id_3 
_pdbx_validate_rmsd_angle.auth_comp_id_3 
_pdbx_validate_rmsd_angle.auth_seq_id_3 
_pdbx_validate_rmsd_angle.PDB_ins_code_3 
_pdbx_validate_rmsd_angle.label_alt_id_3 
_pdbx_validate_rmsd_angle.angle_value 
_pdbx_validate_rmsd_angle.angle_target_value 
_pdbx_validate_rmsd_angle.angle_deviation 
_pdbx_validate_rmsd_angle.angle_standard_deviation 
_pdbx_validate_rmsd_angle.linker_flag 
1 1 "O5'" A DC 5 ? ? "C5'" A DC 5 ? ? "C4'" A DC 5 ? ? 104.46 109.40 -4.94 0.80 N 
2 1 "O4'" A DC 5 ? ? "C1'" A DC 5 ? ? N1    A DC 5 ? ? 112.59 108.30 4.29  0.30 N 
# 
_struct_site_keywords.site_id   1 
_struct_site_keywords.text      INTERCALATION 
# 
loop_
_pdbx_struct_special_symmetry.id 
_pdbx_struct_special_symmetry.PDB_model_num 
_pdbx_struct_special_symmetry.auth_asym_id 
_pdbx_struct_special_symmetry.auth_comp_id 
_pdbx_struct_special_symmetry.auth_seq_id 
_pdbx_struct_special_symmetry.PDB_ins_code 
_pdbx_struct_special_symmetry.label_asym_id 
_pdbx_struct_special_symmetry.label_comp_id 
_pdbx_struct_special_symmetry.label_seq_id 
1 1 B CO  63 ? E CO  . 
2 1 B BA  65 ? F BA  . 
3 1 B HOH 85 ? H HOH . 
4 1 B HOH 86 ? H HOH . 
# 
loop_
_chem_comp_atom.comp_id 
_chem_comp_atom.atom_id 
_chem_comp_atom.type_symbol 
_chem_comp_atom.pdbx_aromatic_flag 
_chem_comp_atom.pdbx_stereo_config 
_chem_comp_atom.pdbx_ordinal 
A4L O27    O  N N 1   
A4L C26    C  N N 2   
A4L C28    C  N N 3   
A4L N25    N  N N 4   
A4L C23    C  N N 5   
A4L C24    C  N N 6   
A4L C22    C  N N 7   
A4L C21    C  N N 8   
A4L C20    C  N N 9   
A4L C19    C  N N 10  
A4L N18    N  N N 11  
A4L C10    C  Y N 12  
A4L C5     C  Y N 13  
A4L C4     C  Y N 14  
A4L C3     C  Y N 15  
A4L C2     C  Y N 16  
A4L CL15   CL N N 17  
A4L C9     C  Y N 18  
A4L C14    C  Y N 19  
A4L C13    C  Y N 20  
A4L O16    O  N N 21  
A4L C17    C  N N 22  
A4L C12    C  Y N 23  
A4L C11    C  Y N 24  
A4L C8     C  Y N 25  
A4L N7     N  Y N 26  
A4L C6     C  Y N 27  
A4L C1     C  Y N 28  
A4L N1     N  N N 29  
A4L C7     C  N N 30  
A4L C15    C  N N 31  
A4L C16    C  N N 32  
A4L C18    C  N N 33  
A4L C25    C  N N 34  
A4L N2     N  N N 35  
A4L N3     N  N N 36  
A4L C27    C  N N 37  
A4L C29    C  N N 38  
A4L O1     O  N N 39  
A4L N4     N  N N 40  
A4L C30    C  N N 41  
A4L C31    C  N N 42  
A4L O2     O  N N 43  
A4L C32    C  N N 44  
A4L O3     O  N N 45  
A4L C33    C  N N 46  
A4L N5     N  N N 47  
A4L O4     O  N N 48  
A4L C34    C  N N 49  
A4L C35    C  N N 50  
A4L C36    C  N N 51  
A4L C37    C  N N 52  
A4L N6     N  N N 53  
A4L C38    C  N N 54  
A4L C39    C  N N 55  
A4L C40    C  N N 56  
A4L C41    C  N N 57  
A4L N8     N  N N 58  
A4L C42    C  N N 59  
A4L C43    C  N N 60  
A4L C44    C  N N 61  
A4L C45    C  N N 62  
A4L N9     N  N N 63  
A4L C46    C  N N 64  
A4L O5     O  N N 65  
A4L H281   H  N N 66  
A4L H282   H  N N 67  
A4L H283   H  N N 68  
A4L H1     H  N N 69  
A4L H23    H  N N 70  
A4L H221   H  N N 71  
A4L H222   H  N N 72  
A4L H211   H  N N 73  
A4L H212   H  N N 74  
A4L H201   H  N N 75  
A4L H202   H  N N 76  
A4L H191   H  N N 77  
A4L H192   H  N N 78  
A4L H18    H  N N 79  
A4L H4     H  N N 80  
A4L H3     H  N N 81  
A4L H14    H  N N 82  
A4L H171   H  N N 83  
A4L H172   H  N N 84  
A4L H173   H  N N 85  
A4L H12    H  N N 86  
A4L H11    H  N N 87  
A4L HN7    H  N N 88  
A4L H2     H  N N 89  
A4L HN11   H  N N 90  
A4L HN12   H  N N 91  
A4L H71    H  N N 92  
A4L H72    H  N N 93  
A4L H151   H  N N 94  
A4L H152   H  N N 95  
A4L H161   H  N N 96  
A4L H162   H  N N 97  
A4L H181   H  N N 98  
A4L H182   H  N N 99  
A4L H25    H  N N 100 
A4L HN2    H  N N 101 
A4L HN3    H  N N 102 
A4L H27    H  N N 103 
A4L HN4    H  N N 104 
A4L H30    H  N N 105 
A4L H33    H  N N 106 
A4L HN5    H  N N 107 
A4L H341   H  N N 108 
A4L H342   H  N N 109 
A4L H351   H  N N 110 
A4L H352   H  N N 111 
A4L H361   H  N N 112 
A4L H362   H  N N 113 
A4L H371   H  N N 114 
A4L H372   H  N N 115 
A4L HN61   H  N N 116 
A4L HN62   H  N N 117 
A4L H381   H  N N 118 
A4L H382   H  N N 119 
A4L H391   H  N N 120 
A4L H392   H  N N 121 
A4L H401   H  N N 122 
A4L H402   H  N N 123 
A4L H411   H  N N 124 
A4L H412   H  N N 125 
A4L HN81   H  N N 126 
A4L HN82   H  N N 127 
A4L H421   H  N N 128 
A4L H422   H  N N 129 
A4L H431   H  N N 130 
A4L H432   H  N N 131 
A4L H441   H  N N 132 
A4L H442   H  N N 133 
A4L H451   H  N N 134 
A4L H452   H  N N 135 
A4L HN91   H  N N 136 
A4L HN92   H  N N 137 
A4L HC46   H  N N 138 
BA  BA     BA N N 139 
CO  CO     CO N N 140 
DA  OP3    O  N N 141 
DA  P      P  N N 142 
DA  OP1    O  N N 143 
DA  OP2    O  N N 144 
DA  "O5'"  O  N N 145 
DA  "C5'"  C  N N 146 
DA  "C4'"  C  N R 147 
DA  "O4'"  O  N N 148 
DA  "C3'"  C  N S 149 
DA  "O3'"  O  N N 150 
DA  "C2'"  C  N N 151 
DA  "C1'"  C  N R 152 
DA  N9     N  Y N 153 
DA  C8     C  Y N 154 
DA  N7     N  Y N 155 
DA  C5     C  Y N 156 
DA  C6     C  Y N 157 
DA  N6     N  N N 158 
DA  N1     N  Y N 159 
DA  C2     C  Y N 160 
DA  N3     N  Y N 161 
DA  C4     C  Y N 162 
DA  HOP3   H  N N 163 
DA  HOP2   H  N N 164 
DA  "H5'"  H  N N 165 
DA  "H5''" H  N N 166 
DA  "H4'"  H  N N 167 
DA  "H3'"  H  N N 168 
DA  "HO3'" H  N N 169 
DA  "H2'"  H  N N 170 
DA  "H2''" H  N N 171 
DA  "H1'"  H  N N 172 
DA  H8     H  N N 173 
DA  H61    H  N N 174 
DA  H62    H  N N 175 
DA  H2     H  N N 176 
DC  OP3    O  N N 177 
DC  P      P  N N 178 
DC  OP1    O  N N 179 
DC  OP2    O  N N 180 
DC  "O5'"  O  N N 181 
DC  "C5'"  C  N N 182 
DC  "C4'"  C  N R 183 
DC  "O4'"  O  N N 184 
DC  "C3'"  C  N S 185 
DC  "O3'"  O  N N 186 
DC  "C2'"  C  N N 187 
DC  "C1'"  C  N R 188 
DC  N1     N  N N 189 
DC  C2     C  N N 190 
DC  O2     O  N N 191 
DC  N3     N  N N 192 
DC  C4     C  N N 193 
DC  N4     N  N N 194 
DC  C5     C  N N 195 
DC  C6     C  N N 196 
DC  HOP3   H  N N 197 
DC  HOP2   H  N N 198 
DC  "H5'"  H  N N 199 
DC  "H5''" H  N N 200 
DC  "H4'"  H  N N 201 
DC  "H3'"  H  N N 202 
DC  "HO3'" H  N N 203 
DC  "H2'"  H  N N 204 
DC  "H2''" H  N N 205 
DC  "H1'"  H  N N 206 
DC  H41    H  N N 207 
DC  H42    H  N N 208 
DC  H5     H  N N 209 
DC  H6     H  N N 210 
DG  OP3    O  N N 211 
DG  P      P  N N 212 
DG  OP1    O  N N 213 
DG  OP2    O  N N 214 
DG  "O5'"  O  N N 215 
DG  "C5'"  C  N N 216 
DG  "C4'"  C  N R 217 
DG  "O4'"  O  N N 218 
DG  "C3'"  C  N S 219 
DG  "O3'"  O  N N 220 
DG  "C2'"  C  N N 221 
DG  "C1'"  C  N R 222 
DG  N9     N  Y N 223 
DG  C8     C  Y N 224 
DG  N7     N  Y N 225 
DG  C5     C  Y N 226 
DG  C6     C  N N 227 
DG  O6     O  N N 228 
DG  N1     N  N N 229 
DG  C2     C  N N 230 
DG  N2     N  N N 231 
DG  N3     N  N N 232 
DG  C4     C  Y N 233 
DG  HOP3   H  N N 234 
DG  HOP2   H  N N 235 
DG  "H5'"  H  N N 236 
DG  "H5''" H  N N 237 
DG  "H4'"  H  N N 238 
DG  "H3'"  H  N N 239 
DG  "HO3'" H  N N 240 
DG  "H2'"  H  N N 241 
DG  "H2''" H  N N 242 
DG  "H1'"  H  N N 243 
DG  H8     H  N N 244 
DG  H1     H  N N 245 
DG  H21    H  N N 246 
DG  H22    H  N N 247 
DT  OP3    O  N N 248 
DT  P      P  N N 249 
DT  OP1    O  N N 250 
DT  OP2    O  N N 251 
DT  "O5'"  O  N N 252 
DT  "C5'"  C  N N 253 
DT  "C4'"  C  N R 254 
DT  "O4'"  O  N N 255 
DT  "C3'"  C  N S 256 
DT  "O3'"  O  N N 257 
DT  "C2'"  C  N N 258 
DT  "C1'"  C  N R 259 
DT  N1     N  N N 260 
DT  C2     C  N N 261 
DT  O2     O  N N 262 
DT  N3     N  N N 263 
DT  C4     C  N N 264 
DT  O4     O  N N 265 
DT  C5     C  N N 266 
DT  C7     C  N N 267 
DT  C6     C  N N 268 
DT  HOP3   H  N N 269 
DT  HOP2   H  N N 270 
DT  "H5'"  H  N N 271 
DT  "H5''" H  N N 272 
DT  "H4'"  H  N N 273 
DT  "H3'"  H  N N 274 
DT  "HO3'" H  N N 275 
DT  "H2'"  H  N N 276 
DT  "H2''" H  N N 277 
DT  "H1'"  H  N N 278 
DT  H3     H  N N 279 
DT  H71    H  N N 280 
DT  H72    H  N N 281 
DT  H73    H  N N 282 
DT  H6     H  N N 283 
HOH O      O  N N 284 
HOH H1     H  N N 285 
HOH H2     H  N N 286 
# 
loop_
_chem_comp_bond.comp_id 
_chem_comp_bond.atom_id_1 
_chem_comp_bond.atom_id_2 
_chem_comp_bond.value_order 
_chem_comp_bond.pdbx_aromatic_flag 
_chem_comp_bond.pdbx_stereo_config 
_chem_comp_bond.pdbx_ordinal 
A4L O27   C26    doub N N 1   
A4L C26   C28    sing N N 2   
A4L C26   N25    sing N N 3   
A4L C28   H281   sing N N 4   
A4L C28   H282   sing N N 5   
A4L C28   H283   sing N N 6   
A4L N25   C23    sing N N 7   
A4L N25   H1     sing N N 8   
A4L C23   C24    sing N N 9   
A4L C23   C22    sing N N 10  
A4L C23   H23    sing N N 11  
A4L C24   N5     sing N N 12  
A4L C24   O4     doub N N 13  
A4L C22   C21    sing N N 14  
A4L C22   H221   sing N N 15  
A4L C22   H222   sing N N 16  
A4L C21   C20    sing N N 17  
A4L C21   H211   sing N N 18  
A4L C21   H212   sing N N 19  
A4L C20   C19    sing N N 20  
A4L C20   H201   sing N N 21  
A4L C20   H202   sing N N 22  
A4L C19   N18    sing N N 23  
A4L C19   H191   sing N N 24  
A4L C19   H192   sing N N 25  
A4L N18   C10    sing N N 26  
A4L N18   H18    sing N N 27  
A4L C10   C5     sing Y N 28  
A4L C10   C9     doub Y N 29  
A4L C5    C4     doub Y N 30  
A4L C5    C6     sing Y N 31  
A4L C4    C3     sing Y N 32  
A4L C4    H4     sing N N 33  
A4L C3    C2     doub Y N 34  
A4L C3    H3     sing N N 35  
A4L C2    CL15   sing N N 36  
A4L C2    C1     sing Y N 37  
A4L C9    C14    sing Y N 38  
A4L C9    C8     sing Y N 39  
A4L C14   C13    doub Y N 40  
A4L C14   H14    sing N N 41  
A4L C13   O16    sing N N 42  
A4L C13   C12    sing Y N 43  
A4L O16   C17    sing N N 44  
A4L C17   H171   sing N N 45  
A4L C17   H172   sing N N 46  
A4L C17   H173   sing N N 47  
A4L C12   C11    doub Y N 48  
A4L C12   H12    sing N N 49  
A4L C11   C8     sing Y N 50  
A4L C11   H11    sing N N 51  
A4L C8    N7     doub Y N 52  
A4L N7    C6     sing Y N 53  
A4L N7    HN7    sing N N 54  
A4L C6    C1     doub Y N 55  
A4L C1    H2     sing N N 56  
A4L N1    C7     sing N N 57  
A4L N1    HN11   sing N N 58  
A4L N1    HN12   sing N N 59  
A4L C7    C15    sing N N 60  
A4L C7    H71    sing N N 61  
A4L C7    H72    sing N N 62  
A4L C15   C16    sing N N 63  
A4L C15   H151   sing N N 64  
A4L C15   H152   sing N N 65  
A4L C16   C18    sing N N 66  
A4L C16   H161   sing N N 67  
A4L C16   H162   sing N N 68  
A4L C18   C25    sing N N 69  
A4L C18   H181   sing N N 70  
A4L C18   H182   sing N N 71  
A4L C25   N2     sing N N 72  
A4L C25   C46    sing N N 73  
A4L C25   H25    sing N N 74  
A4L N2    N3     sing N N 75  
A4L N2    HN2    sing N N 76  
A4L N3    C27    sing N N 77  
A4L N3    HN3    sing N N 78  
A4L C27   C29    sing N N 79  
A4L C27   C42    sing N N 80  
A4L C27   H27    sing N N 81  
A4L C29   O1     doub N N 82  
A4L C29   N4     sing N N 83  
A4L N4    C30    sing N N 84  
A4L N4    HN4    sing N N 85  
A4L C30   C31    sing N N 86  
A4L C30   C38    sing N N 87  
A4L C30   H30    sing N N 88  
A4L C31   O2     doub N N 89  
A4L C31   C32    sing N N 90  
A4L C32   O3     doub N N 91  
A4L C32   C33    sing N N 92  
A4L C33   N5     sing N N 93  
A4L C33   C34    sing N N 94  
A4L C33   H33    sing N N 95  
A4L N5    HN5    sing N N 96  
A4L C34   C35    sing N N 97  
A4L C34   H341   sing N N 98  
A4L C34   H342   sing N N 99  
A4L C35   C36    sing N N 100 
A4L C35   H351   sing N N 101 
A4L C35   H352   sing N N 102 
A4L C36   C37    sing N N 103 
A4L C36   H361   sing N N 104 
A4L C36   H362   sing N N 105 
A4L C37   N6     sing N N 106 
A4L C37   H371   sing N N 107 
A4L C37   H372   sing N N 108 
A4L N6    HN61   sing N N 109 
A4L N6    HN62   sing N N 110 
A4L C38   C39    sing N N 111 
A4L C38   H381   sing N N 112 
A4L C38   H382   sing N N 113 
A4L C39   C40    sing N N 114 
A4L C39   H391   sing N N 115 
A4L C39   H392   sing N N 116 
A4L C40   C41    sing N N 117 
A4L C40   H401   sing N N 118 
A4L C40   H402   sing N N 119 
A4L C41   N8     sing N N 120 
A4L C41   H411   sing N N 121 
A4L C41   H412   sing N N 122 
A4L N8    HN81   sing N N 123 
A4L N8    HN82   sing N N 124 
A4L C42   C43    sing N N 125 
A4L C42   H421   sing N N 126 
A4L C42   H422   sing N N 127 
A4L C43   C44    sing N N 128 
A4L C43   H431   sing N N 129 
A4L C43   H432   sing N N 130 
A4L C44   C45    sing N N 131 
A4L C44   H441   sing N N 132 
A4L C44   H442   sing N N 133 
A4L C45   N9     sing N N 134 
A4L C45   H451   sing N N 135 
A4L C45   H452   sing N N 136 
A4L N9    HN91   sing N N 137 
A4L N9    HN92   sing N N 138 
A4L C46   O5     doub N N 139 
A4L C46   HC46   sing N N 140 
DA  OP3   P      sing N N 141 
DA  OP3   HOP3   sing N N 142 
DA  P     OP1    doub N N 143 
DA  P     OP2    sing N N 144 
DA  P     "O5'"  sing N N 145 
DA  OP2   HOP2   sing N N 146 
DA  "O5'" "C5'"  sing N N 147 
DA  "C5'" "C4'"  sing N N 148 
DA  "C5'" "H5'"  sing N N 149 
DA  "C5'" "H5''" sing N N 150 
DA  "C4'" "O4'"  sing N N 151 
DA  "C4'" "C3'"  sing N N 152 
DA  "C4'" "H4'"  sing N N 153 
DA  "O4'" "C1'"  sing N N 154 
DA  "C3'" "O3'"  sing N N 155 
DA  "C3'" "C2'"  sing N N 156 
DA  "C3'" "H3'"  sing N N 157 
DA  "O3'" "HO3'" sing N N 158 
DA  "C2'" "C1'"  sing N N 159 
DA  "C2'" "H2'"  sing N N 160 
DA  "C2'" "H2''" sing N N 161 
DA  "C1'" N9     sing N N 162 
DA  "C1'" "H1'"  sing N N 163 
DA  N9    C8     sing Y N 164 
DA  N9    C4     sing Y N 165 
DA  C8    N7     doub Y N 166 
DA  C8    H8     sing N N 167 
DA  N7    C5     sing Y N 168 
DA  C5    C6     sing Y N 169 
DA  C5    C4     doub Y N 170 
DA  C6    N6     sing N N 171 
DA  C6    N1     doub Y N 172 
DA  N6    H61    sing N N 173 
DA  N6    H62    sing N N 174 
DA  N1    C2     sing Y N 175 
DA  C2    N3     doub Y N 176 
DA  C2    H2     sing N N 177 
DA  N3    C4     sing Y N 178 
DC  OP3   P      sing N N 179 
DC  OP3   HOP3   sing N N 180 
DC  P     OP1    doub N N 181 
DC  P     OP2    sing N N 182 
DC  P     "O5'"  sing N N 183 
DC  OP2   HOP2   sing N N 184 
DC  "O5'" "C5'"  sing N N 185 
DC  "C5'" "C4'"  sing N N 186 
DC  "C5'" "H5'"  sing N N 187 
DC  "C5'" "H5''" sing N N 188 
DC  "C4'" "O4'"  sing N N 189 
DC  "C4'" "C3'"  sing N N 190 
DC  "C4'" "H4'"  sing N N 191 
DC  "O4'" "C1'"  sing N N 192 
DC  "C3'" "O3'"  sing N N 193 
DC  "C3'" "C2'"  sing N N 194 
DC  "C3'" "H3'"  sing N N 195 
DC  "O3'" "HO3'" sing N N 196 
DC  "C2'" "C1'"  sing N N 197 
DC  "C2'" "H2'"  sing N N 198 
DC  "C2'" "H2''" sing N N 199 
DC  "C1'" N1     sing N N 200 
DC  "C1'" "H1'"  sing N N 201 
DC  N1    C2     sing N N 202 
DC  N1    C6     sing N N 203 
DC  C2    O2     doub N N 204 
DC  C2    N3     sing N N 205 
DC  N3    C4     doub N N 206 
DC  C4    N4     sing N N 207 
DC  C4    C5     sing N N 208 
DC  N4    H41    sing N N 209 
DC  N4    H42    sing N N 210 
DC  C5    C6     doub N N 211 
DC  C5    H5     sing N N 212 
DC  C6    H6     sing N N 213 
DG  OP3   P      sing N N 214 
DG  OP3   HOP3   sing N N 215 
DG  P     OP1    doub N N 216 
DG  P     OP2    sing N N 217 
DG  P     "O5'"  sing N N 218 
DG  OP2   HOP2   sing N N 219 
DG  "O5'" "C5'"  sing N N 220 
DG  "C5'" "C4'"  sing N N 221 
DG  "C5'" "H5'"  sing N N 222 
DG  "C5'" "H5''" sing N N 223 
DG  "C4'" "O4'"  sing N N 224 
DG  "C4'" "C3'"  sing N N 225 
DG  "C4'" "H4'"  sing N N 226 
DG  "O4'" "C1'"  sing N N 227 
DG  "C3'" "O3'"  sing N N 228 
DG  "C3'" "C2'"  sing N N 229 
DG  "C3'" "H3'"  sing N N 230 
DG  "O3'" "HO3'" sing N N 231 
DG  "C2'" "C1'"  sing N N 232 
DG  "C2'" "H2'"  sing N N 233 
DG  "C2'" "H2''" sing N N 234 
DG  "C1'" N9     sing N N 235 
DG  "C1'" "H1'"  sing N N 236 
DG  N9    C8     sing Y N 237 
DG  N9    C4     sing Y N 238 
DG  C8    N7     doub Y N 239 
DG  C8    H8     sing N N 240 
DG  N7    C5     sing Y N 241 
DG  C5    C6     sing N N 242 
DG  C5    C4     doub Y N 243 
DG  C6    O6     doub N N 244 
DG  C6    N1     sing N N 245 
DG  N1    C2     sing N N 246 
DG  N1    H1     sing N N 247 
DG  C2    N2     sing N N 248 
DG  C2    N3     doub N N 249 
DG  N2    H21    sing N N 250 
DG  N2    H22    sing N N 251 
DG  N3    C4     sing N N 252 
DT  OP3   P      sing N N 253 
DT  OP3   HOP3   sing N N 254 
DT  P     OP1    doub N N 255 
DT  P     OP2    sing N N 256 
DT  P     "O5'"  sing N N 257 
DT  OP2   HOP2   sing N N 258 
DT  "O5'" "C5'"  sing N N 259 
DT  "C5'" "C4'"  sing N N 260 
DT  "C5'" "H5'"  sing N N 261 
DT  "C5'" "H5''" sing N N 262 
DT  "C4'" "O4'"  sing N N 263 
DT  "C4'" "C3'"  sing N N 264 
DT  "C4'" "H4'"  sing N N 265 
DT  "O4'" "C1'"  sing N N 266 
DT  "C3'" "O3'"  sing N N 267 
DT  "C3'" "C2'"  sing N N 268 
DT  "C3'" "H3'"  sing N N 269 
DT  "O3'" "HO3'" sing N N 270 
DT  "C2'" "C1'"  sing N N 271 
DT  "C2'" "H2'"  sing N N 272 
DT  "C2'" "H2''" sing N N 273 
DT  "C1'" N1     sing N N 274 
DT  "C1'" "H1'"  sing N N 275 
DT  N1    C2     sing N N 276 
DT  N1    C6     sing N N 277 
DT  C2    O2     doub N N 278 
DT  C2    N3     sing N N 279 
DT  N3    C4     sing N N 280 
DT  N3    H3     sing N N 281 
DT  C4    O4     doub N N 282 
DT  C4    C5     sing N N 283 
DT  C5    C7     sing N N 284 
DT  C5    C6     doub N N 285 
DT  C7    H71    sing N N 286 
DT  C7    H72    sing N N 287 
DT  C7    H73    sing N N 288 
DT  C6    H6     sing N N 289 
HOH O     H1     sing N N 290 
HOH O     H2     sing N N 291 
# 
loop_
_ndb_struct_conf_na.entry_id 
_ndb_struct_conf_na.feature 
1XCS 'double helix'        
1XCS 'b-form double helix' 
# 
loop_
_ndb_struct_na_base_pair.model_number 
_ndb_struct_na_base_pair.i_label_asym_id 
_ndb_struct_na_base_pair.i_label_comp_id 
_ndb_struct_na_base_pair.i_label_seq_id 
_ndb_struct_na_base_pair.i_symmetry 
_ndb_struct_na_base_pair.j_label_asym_id 
_ndb_struct_na_base_pair.j_label_comp_id 
_ndb_struct_na_base_pair.j_label_seq_id 
_ndb_struct_na_base_pair.j_symmetry 
_ndb_struct_na_base_pair.shear 
_ndb_struct_na_base_pair.stretch 
_ndb_struct_na_base_pair.stagger 
_ndb_struct_na_base_pair.buckle 
_ndb_struct_na_base_pair.propeller 
_ndb_struct_na_base_pair.opening 
_ndb_struct_na_base_pair.pair_number 
_ndb_struct_na_base_pair.pair_name 
_ndb_struct_na_base_pair.i_auth_asym_id 
_ndb_struct_na_base_pair.i_auth_seq_id 
_ndb_struct_na_base_pair.i_PDB_ins_code 
_ndb_struct_na_base_pair.j_auth_asym_id 
_ndb_struct_na_base_pair.j_auth_seq_id 
_ndb_struct_na_base_pair.j_PDB_ins_code 
_ndb_struct_na_base_pair.hbond_type_28 
_ndb_struct_na_base_pair.hbond_type_12 
1 A DG 2 1_555 B DC 5 1_555 -0.363 -0.149 -0.128 -10.175 6.089  -0.469 1 A_DG2:DC11_B A 2 ? B 11 ? 19 1 
1 A DT 3 1_555 B DA 4 1_555 0.089  -0.173 0.147  1.029   -0.704 1.460  2 A_DT3:DA10_B A 3 ? B 10 ? 20 1 
1 A DA 4 1_555 B DT 3 1_555 0.119  -0.086 -0.189 -1.111  -0.273 -4.756 3 A_DA4:DT9_B  A 4 ? B 9  ? 20 1 
1 A DC 5 1_555 B DG 2 1_555 0.237  -0.118 -0.209 16.377  -3.148 0.464  4 A_DC5:DG8_B  A 5 ? B 8  ? 19 1 
# 
loop_
_ndb_struct_na_base_pair_step.model_number 
_ndb_struct_na_base_pair_step.i_label_asym_id_1 
_ndb_struct_na_base_pair_step.i_label_comp_id_1 
_ndb_struct_na_base_pair_step.i_label_seq_id_1 
_ndb_struct_na_base_pair_step.i_symmetry_1 
_ndb_struct_na_base_pair_step.j_label_asym_id_1 
_ndb_struct_na_base_pair_step.j_label_comp_id_1 
_ndb_struct_na_base_pair_step.j_label_seq_id_1 
_ndb_struct_na_base_pair_step.j_symmetry_1 
_ndb_struct_na_base_pair_step.i_label_asym_id_2 
_ndb_struct_na_base_pair_step.i_label_comp_id_2 
_ndb_struct_na_base_pair_step.i_label_seq_id_2 
_ndb_struct_na_base_pair_step.i_symmetry_2 
_ndb_struct_na_base_pair_step.j_label_asym_id_2 
_ndb_struct_na_base_pair_step.j_label_comp_id_2 
_ndb_struct_na_base_pair_step.j_label_seq_id_2 
_ndb_struct_na_base_pair_step.j_symmetry_2 
_ndb_struct_na_base_pair_step.shift 
_ndb_struct_na_base_pair_step.slide 
_ndb_struct_na_base_pair_step.rise 
_ndb_struct_na_base_pair_step.tilt 
_ndb_struct_na_base_pair_step.roll 
_ndb_struct_na_base_pair_step.twist 
_ndb_struct_na_base_pair_step.x_displacement 
_ndb_struct_na_base_pair_step.y_displacement 
_ndb_struct_na_base_pair_step.helical_rise 
_ndb_struct_na_base_pair_step.inclination 
_ndb_struct_na_base_pair_step.tip 
_ndb_struct_na_base_pair_step.helical_twist 
_ndb_struct_na_base_pair_step.step_number 
_ndb_struct_na_base_pair_step.step_name 
_ndb_struct_na_base_pair_step.i_auth_asym_id_1 
_ndb_struct_na_base_pair_step.i_auth_seq_id_1 
_ndb_struct_na_base_pair_step.i_PDB_ins_code_1 
_ndb_struct_na_base_pair_step.j_auth_asym_id_1 
_ndb_struct_na_base_pair_step.j_auth_seq_id_1 
_ndb_struct_na_base_pair_step.j_PDB_ins_code_1 
_ndb_struct_na_base_pair_step.i_auth_asym_id_2 
_ndb_struct_na_base_pair_step.i_auth_seq_id_2 
_ndb_struct_na_base_pair_step.i_PDB_ins_code_2 
_ndb_struct_na_base_pair_step.j_auth_asym_id_2 
_ndb_struct_na_base_pair_step.j_auth_seq_id_2 
_ndb_struct_na_base_pair_step.j_PDB_ins_code_2 
1 A DG 2 1_555 B DC 5 1_555 A DT 3 1_555 B DA 4 1_555 -0.061 -0.330 3.130 -2.877 2.546 27.146 -1.295 -0.550 3.077 5.390  6.091  
27.411 1 AA_DG2DT3:DA10DC11_BB A 2 ? B 11 ? A 3 ? B 10 ? 
1 A DT 3 1_555 B DA 4 1_555 A DA 4 1_555 B DT 3 1_555 -0.213 -0.509 3.345 2.753  1.525 36.645 -1.019 0.719  3.298 2.420  -4.369 
36.775 2 AA_DT3DA4:DT9DA10_BB  A 3 ? B 10 ? A 4 ? B 9  ? 
1 A DA 4 1_555 B DT 3 1_555 A DC 5 1_555 B DG 2 1_555 0.950  -0.631 2.970 -1.729 5.074 28.036 -2.301 -2.274 2.753 10.354 3.528  
28.534 3 AA_DA4DC5:DG8DT9_BB   A 4 ? B 9  ? A 5 ? B 8  ? 
# 
_atom_sites.entry_id                    1XCS 
_atom_sites.fract_transf_matrix[1][1]   -0.00300636 
_atom_sites.fract_transf_matrix[1][2]   -0.03244370 
_atom_sites.fract_transf_matrix[1][3]   -0.01248557 
_atom_sites.fract_transf_matrix[2][1]   -0.01180165 
_atom_sites.fract_transf_matrix[2][2]   0.00614989 
_atom_sites.fract_transf_matrix[2][3]   -0.01313877 
_atom_sites.fract_transf_matrix[3][1]   0.01894550 
_atom_sites.fract_transf_matrix[3][2]   0.00406174 
_atom_sites.fract_transf_matrix[3][3]   -0.01511625 
_atom_sites.fract_transf_vector[1]      0.603553 
_atom_sites.fract_transf_vector[2]      0.135968 
_atom_sites.fract_transf_vector[3]      0.237238 
# 
loop_
_atom_type.symbol 
BA 
C  
CL 
CO 
N  
O  
P  
# 
loop_
_atom_site.group_PDB 
_atom_site.id 
_atom_site.type_symbol 
_atom_site.label_atom_id 
_atom_site.label_alt_id 
_atom_site.label_comp_id 
_atom_site.label_asym_id 
_atom_site.label_entity_id 
_atom_site.label_seq_id 
_atom_site.pdbx_PDB_ins_code 
_atom_site.Cartn_x 
_atom_site.Cartn_y 
_atom_site.Cartn_z 
_atom_site.occupancy 
_atom_site.B_iso_or_equiv 
_atom_site.pdbx_formal_charge 
_atom_site.auth_seq_id 
_atom_site.auth_comp_id 
_atom_site.auth_asym_id 
_atom_site.auth_atom_id 
_atom_site.pdbx_PDB_model_num 
ATOM   1   O  "O3'" . DC  A 1 1 ? -1.291  6.801   -9.340  1.00 38.44 ? 1  DC  A "O3'" 1 
ATOM   2   P  P     . DG  A 1 2 ? -2.712  6.737   -10.078 1.00 36.71 ? 2  DG  A P     1 
ATOM   3   O  OP1   . DG  A 1 2 ? -2.818  5.491   -10.870 1.00 38.07 ? 2  DG  A OP1   1 
ATOM   4   O  OP2   . DG  A 1 2 ? -2.945  8.042   -10.736 1.00 37.82 ? 2  DG  A OP2   1 
ATOM   5   O  "O5'" . DG  A 1 2 ? -3.760  6.620   -8.882  1.00 33.91 ? 2  DG  A "O5'" 1 
ATOM   6   C  "C5'" . DG  A 1 2 ? -5.149  6.856   -9.046  1.00 32.17 ? 2  DG  A "C5'" 1 
ATOM   7   C  "C4'" . DG  A 1 2 ? -5.798  6.849   -7.669  1.00 30.32 ? 2  DG  A "C4'" 1 
ATOM   8   O  "O4'" . DG  A 1 2 ? -5.724  5.482   -7.165  1.00 28.80 ? 2  DG  A "O4'" 1 
ATOM   9   C  "C3'" . DG  A 1 2 ? -5.139  7.710   -6.597  1.00 30.71 ? 2  DG  A "C3'" 1 
ATOM   10  O  "O3'" . DG  A 1 2 ? -6.130  8.300   -5.765  1.00 32.25 ? 2  DG  A "O3'" 1 
ATOM   11  C  "C2'" . DG  A 1 2 ? -4.238  6.739   -5.827  1.00 28.57 ? 2  DG  A "C2'" 1 
ATOM   12  C  "C1'" . DG  A 1 2 ? -4.955  5.406   -5.979  1.00 27.18 ? 2  DG  A "C1'" 1 
ATOM   13  N  N9    . DG  A 1 2 ? -4.101  4.228   -6.157  1.00 24.53 ? 2  DG  A N9    1 
ATOM   14  C  C8    . DG  A 1 2 ? -3.056  4.074   -7.046  1.00 24.65 ? 2  DG  A C8    1 
ATOM   15  N  N7    . DG  A 1 2 ? -2.477  2.904   -7.010  1.00 23.31 ? 2  DG  A N7    1 
ATOM   16  C  C5    . DG  A 1 2 ? -3.188  2.209   -6.042  1.00 21.68 ? 2  DG  A C5    1 
ATOM   17  C  C6    . DG  A 1 2 ? -3.007  0.886   -5.600  1.00 20.36 ? 2  DG  A C6    1 
ATOM   18  O  O6    . DG  A 1 2 ? -2.172  0.041   -5.939  1.00 20.88 ? 2  DG  A O6    1 
ATOM   19  N  N1    . DG  A 1 2 ? -3.926  0.564   -4.608  1.00 19.00 ? 2  DG  A N1    1 
ATOM   20  C  C2    . DG  A 1 2 ? -4.873  1.422   -4.124  1.00 19.63 ? 2  DG  A C2    1 
ATOM   21  N  N2    . DG  A 1 2 ? -5.668  0.937   -3.153  1.00 20.03 ? 2  DG  A N2    1 
ATOM   22  N  N3    . DG  A 1 2 ? -5.061  2.670   -4.543  1.00 20.16 ? 2  DG  A N3    1 
ATOM   23  C  C4    . DG  A 1 2 ? -4.178  3.007   -5.510  1.00 22.42 ? 2  DG  A C4    1 
ATOM   24  P  P     . DT  A 1 3 ? -5.774  9.280   -4.553  1.00 35.28 ? 3  DT  A P     1 
ATOM   25  O  OP1   . DT  A 1 3 ? -6.940  10.176  -4.376  1.00 36.55 ? 3  DT  A OP1   1 
ATOM   26  O  OP2   . DT  A 1 3 ? -4.411  9.829   -4.710  1.00 36.40 ? 3  DT  A OP2   1 
ATOM   27  O  "O5'" . DT  A 1 3 ? -5.715  8.309   -3.297  1.00 31.42 ? 3  DT  A "O5'" 1 
ATOM   28  C  "C5'" . DT  A 1 3 ? -6.822  7.485   -2.983  1.00 30.10 ? 3  DT  A "C5'" 1 
ATOM   29  C  "C4'" . DT  A 1 3 ? -6.374  6.505   -1.927  1.00 27.38 ? 3  DT  A "C4'" 1 
ATOM   30  O  "O4'" . DT  A 1 3 ? -5.451  5.541   -2.493  1.00 25.52 ? 3  DT  A "O4'" 1 
ATOM   31  C  "C3'" . DT  A 1 3 ? -5.680  7.164   -0.737  1.00 28.07 ? 3  DT  A "C3'" 1 
ATOM   32  O  "O3'" . DT  A 1 3 ? -6.584  7.093   0.366   1.00 29.26 ? 3  DT  A "O3'" 1 
ATOM   33  C  "C2'" . DT  A 1 3 ? -4.360  6.390   -0.620  1.00 27.28 ? 3  DT  A "C2'" 1 
ATOM   34  C  "C1'" . DT  A 1 3 ? -4.626  5.131   -1.431  1.00 25.32 ? 3  DT  A "C1'" 1 
ATOM   35  N  N1    . DT  A 1 3 ? -3.482  4.441   -2.058  1.00 23.71 ? 3  DT  A N1    1 
ATOM   36  C  C2    . DT  A 1 3 ? -3.217  3.133   -1.741  1.00 22.27 ? 3  DT  A C2    1 
ATOM   37  O  O2    . DT  A 1 3 ? -3.810  2.503   -0.899  1.00 22.29 ? 3  DT  A O2    1 
ATOM   38  N  N3    . DT  A 1 3 ? -2.173  2.574   -2.411  1.00 22.50 ? 3  DT  A N3    1 
ATOM   39  C  C4    . DT  A 1 3 ? -1.360  3.175   -3.339  1.00 23.48 ? 3  DT  A C4    1 
ATOM   40  O  O4    . DT  A 1 3 ? -0.452  2.519   -3.843  1.00 23.17 ? 3  DT  A O4    1 
ATOM   41  C  C5    . DT  A 1 3 ? -1.676  4.541   -3.626  1.00 24.18 ? 3  DT  A C5    1 
ATOM   42  C  C7    . DT  A 1 3 ? -0.870  5.325   -4.627  1.00 25.09 ? 3  DT  A C7    1 
ATOM   43  C  C6    . DT  A 1 3 ? -2.707  5.108   -2.995  1.00 24.94 ? 3  DT  A C6    1 
ATOM   44  P  P     . DA  A 1 4 ? -6.157  7.562   1.833   1.00 30.59 ? 4  DA  A P     1 
ATOM   45  O  OP1   . DA  A 1 4 ? -7.398  7.841   2.613   1.00 32.08 ? 4  DA  A OP1   1 
ATOM   46  O  OP2   . DA  A 1 4 ? -5.063  8.543   1.766   1.00 32.81 ? 4  DA  A OP2   1 
ATOM   47  O  "O5'" . DA  A 1 4 ? -5.582  6.227   2.437   1.00 26.67 ? 4  DA  A "O5'" 1 
ATOM   48  C  "C5'" . DA  A 1 4 ? -6.426  5.099   2.574   1.00 25.95 ? 4  DA  A "C5'" 1 
ATOM   49  C  "C4'" . DA  A 1 4 ? -5.737  4.019   3.364   1.00 26.27 ? 4  DA  A "C4'" 1 
ATOM   50  O  "O4'" . DA  A 1 4 ? -4.748  3.369   2.508   1.00 25.21 ? 4  DA  A "O4'" 1 
ATOM   51  C  "C3'" . DA  A 1 4 ? -4.986  4.556   4.574   1.00 27.66 ? 4  DA  A "C3'" 1 
ATOM   52  O  "O3'" . DA  A 1 4 ? -5.287  3.772   5.677   1.00 30.72 ? 4  DA  A "O3'" 1 
ATOM   53  C  "C2'" . DA  A 1 4 ? -3.522  4.458   4.164   1.00 26.67 ? 4  DA  A "C2'" 1 
ATOM   54  C  "C1'" . DA  A 1 4 ? -3.512  3.304   3.171   1.00 25.07 ? 4  DA  A "C1'" 1 
ATOM   55  N  N9    . DA  A 1 4 ? -2.465  3.370   2.164   1.00 23.08 ? 4  DA  A N9    1 
ATOM   56  C  C8    . DA  A 1 4 ? -2.128  4.447   1.402   1.00 24.75 ? 4  DA  A C8    1 
ATOM   57  N  N7    . DA  A 1 4 ? -1.140  4.225   0.585   1.00 23.34 ? 4  DA  A N7    1 
ATOM   58  C  C5    . DA  A 1 4 ? -0.823  2.904   0.815   1.00 22.22 ? 4  DA  A C5    1 
ATOM   59  C  C6    . DA  A 1 4 ? 0.164   2.067   0.263   1.00 21.76 ? 4  DA  A C6    1 
ATOM   60  N  N6    . DA  A 1 4 ? 0.978   2.515   -0.701  1.00 24.18 ? 4  DA  A N6    1 
ATOM   61  N  N1    . DA  A 1 4 ? 0.227   0.788   0.671   1.00 21.47 ? 4  DA  A N1    1 
ATOM   62  C  C2    . DA  A 1 4 ? -0.606  0.371   1.632   1.00 22.20 ? 4  DA  A C2    1 
ATOM   63  N  N3    . DA  A 1 4 ? -1.561  1.081   2.234   1.00 22.16 ? 4  DA  A N3    1 
ATOM   64  C  C4    . DA  A 1 4 ? -1.629  2.339   1.776   1.00 22.88 ? 4  DA  A C4    1 
ATOM   65  P  P     . DC  A 1 5 ? -4.802  4.251   7.110   1.00 34.78 ? 5  DC  A P     1 
ATOM   66  O  OP1   . DC  A 1 5 ? -5.821  3.738   8.034   1.00 36.59 ? 5  DC  A OP1   1 
ATOM   67  O  OP2   . DC  A 1 5 ? -4.402  5.677   7.074   1.00 36.70 ? 5  DC  A OP2   1 
ATOM   68  O  "O5'" . DC  A 1 5 ? -3.476  3.411   7.282   1.00 32.36 ? 5  DC  A "O5'" 1 
ATOM   69  C  "C5'" . DC  A 1 5 ? -3.450  1.998   7.297   1.00 31.32 ? 5  DC  A "C5'" 1 
ATOM   70  C  "C4'" . DC  A 1 5 ? -1.989  1.648   7.199   1.00 31.72 ? 5  DC  A "C4'" 1 
ATOM   71  O  "O4'" . DC  A 1 5 ? -1.521  1.995   5.886   1.00 28.52 ? 5  DC  A "O4'" 1 
ATOM   72  C  "C3'" . DC  A 1 5 ? -1.109  2.497   8.101   1.00 32.20 ? 5  DC  A "C3'" 1 
ATOM   73  O  "O3'" . DC  A 1 5 ? -0.784  1.805   9.263   1.00 35.49 ? 5  DC  A "O3'" 1 
ATOM   74  C  "C2'" . DC  A 1 5 ? 0.117   2.798   7.276   1.00 30.15 ? 5  DC  A "C2'" 1 
ATOM   75  C  "C1'" . DC  A 1 5 ? -0.123  2.082   5.976   1.00 28.43 ? 5  DC  A "C1'" 1 
ATOM   76  N  N1    . DC  A 1 5 ? 0.471   2.783   4.839   1.00 26.80 ? 5  DC  A N1    1 
ATOM   77  C  C2    . DC  A 1 5 ? 1.375   2.079   4.019   1.00 24.94 ? 5  DC  A C2    1 
ATOM   78  O  O2    . DC  A 1 5 ? 1.623   0.895   4.233   1.00 25.49 ? 5  DC  A O2    1 
ATOM   79  N  N3    . DC  A 1 5 ? 1.931   2.744   2.986   1.00 24.66 ? 5  DC  A N3    1 
ATOM   80  C  C4    . DC  A 1 5 ? 1.620   4.021   2.745   1.00 23.86 ? 5  DC  A C4    1 
ATOM   81  N  N4    . DC  A 1 5 ? 2.183   4.630   1.706   1.00 25.96 ? 5  DC  A N4    1 
ATOM   82  C  C5    . DC  A 1 5 ? 0.716   4.750   3.578   1.00 26.38 ? 5  DC  A C5    1 
ATOM   83  C  C6    . DC  A 1 5 ? 0.166   4.094   4.592   1.00 26.26 ? 5  DC  A C6    1 
ATOM   84  P  P     . DG  A 1 6 ? -0.063  2.577   10.465  1.00 37.32 ? 6  DG  A P     1 
ATOM   85  O  OP1   . DG  A 1 6 ? -0.475  1.852   11.686  1.00 39.56 ? 6  DG  A OP1   1 
ATOM   86  O  OP2   . DG  A 1 6 ? -0.246  4.043   10.403  1.00 37.64 ? 6  DG  A OP2   1 
ATOM   87  O  "O5'" . DG  A 1 6 ? 1.488   2.376   10.163  1.00 34.14 ? 6  DG  A "O5'" 1 
ATOM   88  C  "C5'" . DG  A 1 6 ? 2.128   1.122   10.181  1.00 32.69 ? 6  DG  A "C5'" 1 
ATOM   89  C  "C4'" . DG  A 1 6 ? 3.525   1.286   10.767  1.00 31.39 ? 6  DG  A "C4'" 1 
ATOM   90  O  "O4'" . DG  A 1 6 ? 4.337   2.142   9.922   1.00 30.63 ? 6  DG  A "O4'" 1 
ATOM   91  C  "C3'" . DG  A 1 6 ? 3.595   1.971   12.124  1.00 30.76 ? 6  DG  A "C3'" 1 
ATOM   92  O  "O3'" . DG  A 1 6 ? 3.337   0.999   13.125  1.00 32.74 ? 6  DG  A "O3'" 1 
ATOM   93  C  "C2'" . DG  A 1 6 ? 5.006   2.567   12.158  1.00 29.87 ? 6  DG  A "C2'" 1 
ATOM   94  C  "C1'" . DG  A 1 6 ? 5.245   2.917   10.690  1.00 29.41 ? 6  DG  A "C1'" 1 
ATOM   95  N  N9    . DG  A 1 6 ? 5.000   4.299   10.319  1.00 27.69 ? 6  DG  A N9    1 
ATOM   96  C  C8    . DG  A 1 6 ? 4.225   5.241   10.946  1.00 28.59 ? 6  DG  A C8    1 
ATOM   97  N  N7    . DG  A 1 6 ? 4.192   6.390   10.340  1.00 27.74 ? 6  DG  A N7    1 
ATOM   98  C  C5    . DG  A 1 6 ? 4.983   6.197   9.202   1.00 26.18 ? 6  DG  A C5    1 
ATOM   99  C  C6    . DG  A 1 6 ? 5.329   7.089   8.147   1.00 24.88 ? 6  DG  A C6    1 
ATOM   100 O  O6    . DG  A 1 6 ? 4.981   8.263   8.001   1.00 28.05 ? 6  DG  A O6    1 
ATOM   101 N  N1    . DG  A 1 6 ? 6.140   6.484   7.191   1.00 24.72 ? 6  DG  A N1    1 
ATOM   102 C  C2    . DG  A 1 6 ? 6.588   5.194   7.270   1.00 23.13 ? 6  DG  A C2    1 
ATOM   103 N  N2    . DG  A 1 6 ? 7.382   4.765   6.273   1.00 23.98 ? 6  DG  A N2    1 
ATOM   104 N  N3    . DG  A 1 6 ? 6.291   4.340   8.254   1.00 24.68 ? 6  DG  A N3    1 
ATOM   105 C  C4    . DG  A 1 6 ? 5.486   4.923   9.181   1.00 26.28 ? 6  DG  A C4    1 
ATOM   106 O  "O5'" . DC  B 1 1 ? 9.686   -3.739  -5.942  1.00 40.86 ? 7  DC  B "O5'" 1 
ATOM   107 C  "C5'" . DC  B 1 1 ? 11.052  -4.117  -6.032  1.00 37.39 ? 7  DC  B "C5'" 1 
ATOM   108 C  "C4'" . DC  B 1 1 ? 11.934  -3.099  -5.315  1.00 35.36 ? 7  DC  B "C4'" 1 
ATOM   109 O  "O4'" . DC  B 1 1 ? 13.302  -3.264  -5.750  1.00 33.69 ? 7  DC  B "O4'" 1 
ATOM   110 C  "C3'" . DC  B 1 1 ? 11.641  -1.615  -5.535  1.00 34.81 ? 7  DC  B "C3'" 1 
ATOM   111 O  "O3'" . DC  B 1 1 ? 12.108  -0.842  -4.432  1.00 35.37 ? 7  DC  B "O3'" 1 
ATOM   112 C  "C2'" . DC  B 1 1 ? 12.425  -1.317  -6.806  1.00 33.28 ? 7  DC  B "C2'" 1 
ATOM   113 C  "C1'" . DC  B 1 1 ? 13.691  -2.108  -6.486  1.00 32.62 ? 7  DC  B "C1'" 1 
ATOM   114 N  N1    . DC  B 1 1 ? 14.531  -2.585  -7.634  1.00 31.19 ? 7  DC  B N1    1 
ATOM   115 C  C2    . DC  B 1 1 ? 15.885  -2.187  -7.685  1.00 28.80 ? 7  DC  B C2    1 
ATOM   116 O  O2    . DC  B 1 1 ? 16.335  -1.437  -6.818  1.00 25.67 ? 7  DC  B O2    1 
ATOM   117 N  N3    . DC  B 1 1 ? 16.647  -2.622  -8.712  1.00 29.63 ? 7  DC  B N3    1 
ATOM   118 C  C4    . DC  B 1 1 ? 16.141  -3.452  -9.634  1.00 32.08 ? 7  DC  B C4    1 
ATOM   119 N  N4    . DC  B 1 1 ? 16.945  -3.863  -10.619 1.00 33.32 ? 7  DC  B N4    1 
ATOM   120 C  C5    . DC  B 1 1 ? 14.780  -3.883  -9.590  1.00 32.78 ? 7  DC  B C5    1 
ATOM   121 C  C6    . DC  B 1 1 ? 14.027  -3.439  -8.576  1.00 32.54 ? 7  DC  B C6    1 
ATOM   122 P  P     . DG  B 1 2 ? 11.110  -0.021  -3.465  1.00 36.59 ? 8  DG  B P     1 
ATOM   123 O  OP1   . DG  B 1 2 ? 10.242  0.876   -4.256  1.00 38.36 ? 8  DG  B OP1   1 
ATOM   124 O  OP2   . DG  B 1 2 ? 11.933  0.566   -2.389  1.00 38.68 ? 8  DG  B OP2   1 
ATOM   125 O  "O5'" . DG  B 1 2 ? 10.216  -1.218  -2.900  1.00 34.13 ? 8  DG  B "O5'" 1 
ATOM   126 C  "C5'" . DG  B 1 2 ? 10.770  -2.128  -1.959  1.00 31.49 ? 8  DG  B "C5'" 1 
ATOM   127 C  "C4'" . DG  B 1 2 ? 9.730   -2.485  -0.928  1.00 29.67 ? 8  DG  B "C4'" 1 
ATOM   128 O  "O4'" . DG  B 1 2 ? 9.403   -1.339  -0.116  1.00 29.29 ? 8  DG  B "O4'" 1 
ATOM   129 C  "C3'" . DG  B 1 2 ? 8.407   -2.939  -1.531  1.00 28.30 ? 8  DG  B "C3'" 1 
ATOM   130 O  "O3'" . DG  B 1 2 ? 8.508   -4.297  -1.848  1.00 27.53 ? 8  DG  B "O3'" 1 
ATOM   131 C  "C2'" . DG  B 1 2 ? 7.450   -2.702  -0.373  1.00 28.30 ? 8  DG  B "C2'" 1 
ATOM   132 C  "C1'" . DG  B 1 2 ? 8.058   -1.510  0.320   1.00 27.27 ? 8  DG  B "C1'" 1 
ATOM   133 N  N9    . DG  B 1 2 ? 7.344   -0.263  0.101   1.00 26.73 ? 8  DG  B N9    1 
ATOM   134 C  C8    . DG  B 1 2 ? 7.672   0.764   -0.752  1.00 27.18 ? 8  DG  B C8    1 
ATOM   135 N  N7    . DG  B 1 2 ? 6.854   1.772   -0.729  1.00 28.89 ? 8  DG  B N7    1 
ATOM   136 C  C5    . DG  B 1 2 ? 5.906   1.387   0.214   1.00 26.37 ? 8  DG  B C5    1 
ATOM   137 C  C6    . DG  B 1 2 ? 4.754   2.066   0.672   1.00 24.93 ? 8  DG  B C6    1 
ATOM   138 O  O6    . DG  B 1 2 ? 4.334   3.169   0.325   1.00 27.78 ? 8  DG  B O6    1 
ATOM   139 N  N1    . DG  B 1 2 ? 4.048   1.339   1.635   1.00 23.75 ? 8  DG  B N1    1 
ATOM   140 C  C2    . DG  B 1 2 ? 4.421   0.104   2.082   1.00 23.99 ? 8  DG  B C2    1 
ATOM   141 N  N2    . DG  B 1 2 ? 3.652   -0.494  3.004   1.00 24.79 ? 8  DG  B N2    1 
ATOM   142 N  N3    . DG  B 1 2 ? 5.495   -0.546  1.670   1.00 22.94 ? 8  DG  B N3    1 
ATOM   143 C  C4    . DG  B 1 2 ? 6.193   0.147   0.733   1.00 25.83 ? 8  DG  B C4    1 
ATOM   144 P  P     . DT  B 1 3 ? 7.376   -5.029  -2.715  1.00 28.74 ? 9  DT  B P     1 
ATOM   145 O  OP1   . DT  B 1 3 ? 7.936   -6.341  -3.109  1.00 30.53 ? 9  DT  B OP1   1 
ATOM   146 O  OP2   . DT  B 1 3 ? 6.916   -4.054  -3.722  1.00 29.82 ? 9  DT  B OP2   1 
ATOM   147 O  "O5'" . DT  B 1 3 ? 6.218   -5.246  -1.648  1.00 26.61 ? 9  DT  B "O5'" 1 
ATOM   148 C  "C5'" . DT  B 1 3 ? 6.359   -6.125  -0.563  1.00 26.81 ? 9  DT  B "C5'" 1 
ATOM   149 C  "C4'" . DT  B 1 3 ? 5.070   -6.180  0.227   1.00 26.09 ? 9  DT  B "C4'" 1 
ATOM   150 O  "O4'" . DT  B 1 3 ? 4.655   -4.826  0.548   1.00 25.24 ? 9  DT  B "O4'" 1 
ATOM   151 C  "C3'" . DT  B 1 3 ? 3.903   -6.791  -0.544  1.00 27.00 ? 9  DT  B "C3'" 1 
ATOM   152 O  "O3'" . DT  B 1 3 ? 3.198   -7.575  0.361   1.00 30.72 ? 9  DT  B "O3'" 1 
ATOM   153 C  "C2'" . DT  B 1 3 ? 3.132   -5.581  -1.047  1.00 25.88 ? 9  DT  B "C2'" 1 
ATOM   154 C  "C1'" . DT  B 1 3 ? 3.346   -4.566  0.069   1.00 24.89 ? 9  DT  B "C1'" 1 
ATOM   155 N  N1    . DT  B 1 3 ? 3.241   -3.159  -0.372  1.00 23.50 ? 9  DT  B N1    1 
ATOM   156 C  C2    . DT  B 1 3 ? 2.298   -2.309  0.196   1.00 22.46 ? 9  DT  B C2    1 
ATOM   157 O  O2    . DT  B 1 3 ? 1.505   -2.651  1.068   1.00 23.29 ? 9  DT  B O2    1 
ATOM   158 N  N3    . DT  B 1 3 ? 2.301   -1.029  -0.282  1.00 22.21 ? 9  DT  B N3    1 
ATOM   159 C  C4    . DT  B 1 3 ? 3.107   -0.507  -1.285  1.00 22.64 ? 9  DT  B C4    1 
ATOM   160 O  O4    . DT  B 1 3 ? 2.992   0.656   -1.626  1.00 24.63 ? 9  DT  B O4    1 
ATOM   161 C  C5    . DT  B 1 3 ? 4.074   -1.435  -1.831  1.00 24.21 ? 9  DT  B C5    1 
ATOM   162 C  C7    . DT  B 1 3 ? 5.046   -1.035  -2.905  1.00 25.67 ? 9  DT  B C7    1 
ATOM   163 C  C6    . DT  B 1 3 ? 4.089   -2.684  -1.365  1.00 23.16 ? 9  DT  B C6    1 
ATOM   164 P  P     . DA  B 1 4 ? 1.890   -8.365  -0.084  1.00 32.84 ? 10 DA  B P     1 
ATOM   165 O  OP1   . DA  B 1 4 ? 1.932   -9.545  0.793   1.00 35.01 ? 10 DA  B OP1   1 
ATOM   166 O  OP2   . DA  B 1 4 ? 1.819   -8.446  -1.558  1.00 34.78 ? 10 DA  B OP2   1 
ATOM   167 O  "O5'" . DA  B 1 4 ? 0.726   -7.383  0.353   1.00 30.66 ? 10 DA  B "O5'" 1 
ATOM   168 C  "C5'" . DA  B 1 4 ? 0.526   -7.033  1.700   1.00 27.83 ? 10 DA  B "C5'" 1 
ATOM   169 C  "C4'" . DA  B 1 4 ? -0.839  -6.381  1.834   1.00 26.13 ? 10 DA  B "C4'" 1 
ATOM   170 O  "O4'" . DA  B 1 4 ? -0.780  -5.048  1.297   1.00 25.79 ? 10 DA  B "O4'" 1 
ATOM   171 C  "C3'" . DA  B 1 4 ? -1.975  -7.061  1.081   1.00 25.29 ? 10 DA  B "C3'" 1 
ATOM   172 O  "O3'" . DA  B 1 4 ? -3.090  -7.108  1.944   1.00 24.72 ? 10 DA  B "O3'" 1 
ATOM   173 C  "C2'" . DA  B 1 4 ? -2.169  -6.193  -0.154  1.00 23.89 ? 10 DA  B "C2'" 1 
ATOM   174 C  "C1'" . DA  B 1 4 ? -1.798  -4.822  0.326   1.00 23.52 ? 10 DA  B "C1'" 1 
ATOM   175 N  N9    . DA  B 1 4 ? -1.214  -3.917  -0.644  1.00 21.55 ? 10 DA  B N9    1 
ATOM   176 C  C8    . DA  B 1 4 ? -0.138  -4.176  -1.442  1.00 22.09 ? 10 DA  B C8    1 
ATOM   177 N  N7    . DA  B 1 4 ? 0.213   -3.182  -2.202  1.00 21.54 ? 10 DA  B N7    1 
ATOM   178 C  C5    . DA  B 1 4 ? -0.675  -2.200  -1.854  1.00 19.79 ? 10 DA  B C5    1 
ATOM   179 C  C6    . DA  B 1 4 ? -0.829  -0.898  -2.291  1.00 19.60 ? 10 DA  B C6    1 
ATOM   180 N  N6    . DA  B 1 4 ? -0.034  -0.332  -3.191  1.00 21.48 ? 10 DA  B N6    1 
ATOM   181 N  N1    . DA  B 1 4 ? -1.825  -0.156  -1.764  1.00 19.85 ? 10 DA  B N1    1 
ATOM   182 C  C2    . DA  B 1 4 ? -2.626  -0.686  -0.837  1.00 20.59 ? 10 DA  B C2    1 
ATOM   183 N  N3    . DA  B 1 4 ? -2.562  -1.916  -0.343  1.00 19.51 ? 10 DA  B N3    1 
ATOM   184 C  C4    . DA  B 1 4 ? -1.553  -2.625  -0.882  1.00 20.28 ? 10 DA  B C4    1 
ATOM   185 P  P     . DC  B 1 5 ? -4.365  -7.990  1.581   1.00 25.77 ? 11 DC  B P     1 
ATOM   186 O  OP1   . DC  B 1 5 ? -5.065  -8.242  2.857   1.00 27.69 ? 11 DC  B OP1   1 
ATOM   187 O  OP2   . DC  B 1 5 ? -3.997  -9.074  0.661   1.00 26.93 ? 11 DC  B OP2   1 
ATOM   188 O  "O5'" . DC  B 1 5 ? -5.223  -6.967  0.697   1.00 23.41 ? 11 DC  B "O5'" 1 
ATOM   189 C  "C5'" . DC  B 1 5 ? -5.845  -5.896  1.322   1.00 21.70 ? 11 DC  B "C5'" 1 
ATOM   190 C  "C4'" . DC  B 1 5 ? -6.563  -5.054  0.287   1.00 19.92 ? 11 DC  B "C4'" 1 
ATOM   191 O  "O4'" . DC  B 1 5 ? -5.585  -4.349  -0.523  1.00 20.64 ? 11 DC  B "O4'" 1 
ATOM   192 C  "C3'" . DC  B 1 5 ? -7.416  -5.844  -0.695  1.00 20.23 ? 11 DC  B "C3'" 1 
ATOM   193 O  "O3'" . DC  B 1 5 ? -8.689  -5.243  -0.703  1.00 19.32 ? 11 DC  B "O3'" 1 
ATOM   194 C  "C2'" . DC  B 1 5 ? -6.658  -5.746  -2.016  1.00 20.22 ? 11 DC  B "C2'" 1 
ATOM   195 C  "C1'" . DC  B 1 5 ? -6.043  -4.362  -1.848  1.00 20.37 ? 11 DC  B "C1'" 1 
ATOM   196 N  N1    . DC  B 1 5 ? -4.911  -3.978  -2.703  1.00 19.39 ? 11 DC  B N1    1 
ATOM   197 C  C2    . DC  B 1 5 ? -4.821  -2.637  -3.059  1.00 18.58 ? 11 DC  B C2    1 
ATOM   198 O  O2    . DC  B 1 5 ? -5.654  -1.820  -2.658  1.00 19.31 ? 11 DC  B O2    1 
ATOM   199 N  N3    . DC  B 1 5 ? -3.788  -2.253  -3.834  1.00 18.77 ? 11 DC  B N3    1 
ATOM   200 C  C4    . DC  B 1 5 ? -2.870  -3.124  -4.228  1.00 18.65 ? 11 DC  B C4    1 
ATOM   201 N  N4    . DC  B 1 5 ? -1.887  -2.664  -5.008  1.00 20.26 ? 11 DC  B N4    1 
ATOM   202 C  C5    . DC  B 1 5 ? -2.917  -4.482  -3.843  1.00 19.19 ? 11 DC  B C5    1 
ATOM   203 C  C6    . DC  B 1 5 ? -3.948  -4.880  -3.082  1.00 19.17 ? 11 DC  B C6    1 
ATOM   204 P  P     . DG  B 1 6 ? -9.972  -6.054  -1.224  1.00 20.76 ? 12 DG  B P     1 
ATOM   205 O  OP1   . DG  B 1 6 ? -11.148 -5.341  -0.681  1.00 22.91 ? 12 DG  B OP1   1 
ATOM   206 O  OP2   . DG  B 1 6 ? -9.803  -7.507  -0.973  1.00 21.05 ? 12 DG  B OP2   1 
ATOM   207 O  "O5'" . DG  B 1 6 ? -9.935  -5.840  -2.813  1.00 20.14 ? 12 DG  B "O5'" 1 
ATOM   208 C  "C5'" . DG  B 1 6 ? -9.908  -4.515  -3.342  1.00 20.68 ? 12 DG  B "C5'" 1 
ATOM   209 C  "C4'" . DG  B 1 6 ? -10.136 -4.571  -4.832  1.00 19.59 ? 12 DG  B "C4'" 1 
ATOM   210 O  "O4'" . DG  B 1 6 ? -9.182  -5.504  -5.425  1.00 20.14 ? 12 DG  B "O4'" 1 
ATOM   211 C  "C3'" . DG  B 1 6 ? -11.515 -5.093  -5.254  1.00 18.92 ? 12 DG  B "C3'" 1 
ATOM   212 O  "O3'" . DG  B 1 6 ? -12.378 -4.023  -5.527  1.00 20.40 ? 12 DG  B "O3'" 1 
ATOM   213 C  "C2'" . DG  B 1 6 ? -11.188 -5.959  -6.458  1.00 20.22 ? 12 DG  B "C2'" 1 
ATOM   214 C  "C1'" . DG  B 1 6 ? -9.851  -6.576  -6.086  1.00 20.62 ? 12 DG  B "C1'" 1 
ATOM   215 N  N9    . DG  B 1 6 ? -9.934  -7.664  -5.127  1.00 20.45 ? 12 DG  B N9    1 
ATOM   216 C  C8    . DG  B 1 6 ? -11.078 -8.232  -4.590  1.00 20.75 ? 12 DG  B C8    1 
ATOM   217 N  N7    . DG  B 1 6 ? -10.854 -9.133  -3.687  1.00 20.00 ? 12 DG  B N7    1 
ATOM   218 C  C5    . DG  B 1 6 ? -9.472  -9.178  -3.614  1.00 20.68 ? 12 DG  B C5    1 
ATOM   219 C  C6    . DG  B 1 6 ? -8.614  -9.937  -2.816  1.00 21.73 ? 12 DG  B C6    1 
ATOM   220 O  O6    . DG  B 1 6 ? -8.935  -10.779 -1.990  1.00 23.28 ? 12 DG  B O6    1 
ATOM   221 N  N1    . DG  B 1 6 ? -7.276  -9.652  -3.019  1.00 21.22 ? 12 DG  B N1    1 
ATOM   222 C  C2    . DG  B 1 6 ? -6.810  -8.726  -3.920  1.00 20.68 ? 12 DG  B C2    1 
ATOM   223 N  N2    . DG  B 1 6 ? -5.480  -8.578  -4.020  1.00 22.13 ? 12 DG  B N2    1 
ATOM   224 N  N3    . DG  B 1 6 ? -7.586  -8.007  -4.692  1.00 19.59 ? 12 DG  B N3    1 
ATOM   225 C  C4    . DG  B 1 6 ? -8.902  -8.279  -4.494  1.00 19.97 ? 12 DG  B C4    1 
HETATM 226 CO CO    . CO  C 2 . ? -0.739  2.508   -8.217  1.00 34.83 ? 64 CO  A CO    1 
HETATM 227 O  O27   . A4L D 3 . ? 8.941   -0.344  3.879   0.50 24.90 ? 71 A4L A O27   1 
HETATM 228 C  C26   . A4L D 3 . ? 7.840   0.068   4.091   0.50 25.65 ? 71 A4L A C26   1 
HETATM 229 C  C28   . A4L D 3 . ? 6.898   -0.720  4.960   0.50 26.51 ? 71 A4L A C28   1 
HETATM 230 N  N25   . A4L D 3 . ? 7.412   1.257   3.641   0.50 28.92 ? 71 A4L A N25   1 
HETATM 231 C  C23   . A4L D 3 . ? 8.239   2.296   3.032   0.50 29.79 ? 71 A4L A C23   1 
HETATM 232 C  C24   . A4L D 3 . ? 9.112   1.855   1.854   0.50 30.35 ? 71 A4L A C24   1 
HETATM 233 C  C22   . A4L D 3 . ? 7.306   3.482   2.769   0.50 30.51 ? 71 A4L A C22   1 
HETATM 234 C  C21   . A4L D 3 . ? 7.531   4.487   1.644   0.50 31.26 ? 71 A4L A C21   1 
HETATM 235 C  C20   . A4L D 3 . ? 6.518   5.645   1.632   0.50 30.84 ? 71 A4L A C20   1 
HETATM 236 C  C19   . A4L D 3 . ? 5.083   5.421   2.115   0.50 30.71 ? 71 A4L A C19   1 
HETATM 237 N  N18   . A4L D 3 . ? 4.587   6.298   3.167   0.50 30.11 ? 71 A4L A N18   1 
HETATM 238 C  C10   . A4L D 3 . ? 4.019   6.005   4.397   0.50 30.00 ? 71 A4L A C10   1 
HETATM 239 C  C5    . A4L D 3 . ? 4.050   4.774   5.119   0.50 29.41 ? 71 A4L A C5    1 
HETATM 240 C  C4    . A4L D 3 . ? 4.725   3.638   4.732   0.50 29.92 ? 71 A4L A C4    1 
HETATM 241 C  C3    . A4L D 3 . ? 4.736   2.469   5.474   0.50 30.77 ? 71 A4L A C3    1 
HETATM 242 C  C2    . A4L D 3 . ? 4.073   2.341   6.664   0.50 32.20 ? 71 A4L A C2    1 
HETATM 243 CL CL15  . A4L D 3 . ? 4.225   0.742   7.469   0.50 36.36 ? 71 A4L A CL15  1 
HETATM 244 C  C9    . A4L D 3 . ? 3.255   7.043   4.986   0.50 31.86 ? 71 A4L A C9    1 
HETATM 245 C  C14   . A4L D 3 . ? 3.096   8.323   4.422   0.50 33.58 ? 71 A4L A C14   1 
HETATM 246 C  C13   . A4L D 3 . ? 2.334   9.315   5.053   0.50 34.60 ? 71 A4L A C13   1 
HETATM 247 O  O16   . A4L D 3 . ? 2.189   10.555  4.471   0.50 35.93 ? 71 A4L A O16   1 
HETATM 248 C  C17   . A4L D 3 . ? 3.200   11.560  4.567   0.50 35.86 ? 71 A4L A C17   1 
HETATM 249 C  C12   . A4L D 3 . ? 1.699   9.072   6.268   0.50 34.33 ? 71 A4L A C12   1 
HETATM 250 C  C11   . A4L D 3 . ? 1.814   7.834   6.886   0.50 33.87 ? 71 A4L A C11   1 
HETATM 251 C  C8    . A4L D 3 . ? 2.559   6.818   6.290   0.50 32.47 ? 71 A4L A C8    1 
HETATM 252 N  N7    . A4L D 3 . ? 2.630   5.643   6.928   0.50 31.54 ? 71 A4L A N7    1 
HETATM 253 C  C6    . A4L D 3 . ? 3.325   4.622   6.424   0.50 30.30 ? 71 A4L A C6    1 
HETATM 254 C  C1    . A4L D 3 . ? 3.362   3.433   7.153   0.50 30.92 ? 71 A4L A C1    1 
HETATM 255 CO CO    . CO  E 2 . ? -12.519 -10.035 -2.689  0.50 21.60 ? 63 CO  B CO    1 
HETATM 256 BA BA    . BA  F 4 . ? 13.088  2.130   -0.420  0.25 44.24 ? 65 BA  B BA    1 
HETATM 257 O  O     . HOH G 5 . ? -0.178  4.617   -8.173  1.00 33.70 ? 72 HOH A O     1 
HETATM 258 O  O     . HOH G 5 . ? -2.974  -0.521  3.863   1.00 24.61 ? 73 HOH A O     1 
HETATM 259 O  O     . HOH G 5 . ? -8.795  2.450   6.745   1.00 31.40 ? 74 HOH A O     1 
HETATM 260 O  O     . HOH G 5 . ? -9.629  7.331   1.143   1.00 46.86 ? 75 HOH A O     1 
HETATM 261 O  O     . HOH G 5 . ? 2.617   8.132   11.042  1.00 31.98 ? 76 HOH A O     1 
HETATM 262 O  O     . HOH G 5 . ? 0.881   0.098   13.543  1.00 41.15 ? 77 HOH A O     1 
HETATM 263 O  O     . HOH G 5 . ? 0.425   2.159   -6.435  1.00 33.95 ? 78 HOH A O     1 
HETATM 264 O  O     . HOH G 5 . ? -1.886  2.815   -9.995  1.00 32.67 ? 79 HOH A O     1 
HETATM 265 O  O     . HOH G 5 . ? -1.465  8.212   -1.862  1.00 42.23 ? 80 HOH A O     1 
HETATM 266 O  O     . HOH G 5 . ? 2.648   4.914   13.971  1.00 38.73 ? 81 HOH A O     1 
HETATM 267 O  O     . HOH G 5 . ? -2.565  7.706   2.312   1.00 46.26 ? 82 HOH A O     1 
HETATM 268 O  O     . HOH G 5 . ? -8.630  2.225   9.041   1.00 34.64 ? 83 HOH A O     1 
HETATM 269 O  O     . HOH G 5 . ? 4.837   10.234  9.996   1.00 41.79 ? 84 HOH A O     1 
HETATM 270 O  O     . HOH G 5 . ? -0.011  6.310   -0.813  1.00 36.19 ? 85 HOH A O     1 
HETATM 271 O  O     . HOH G 5 . ? 1.985   5.375   -6.662  1.00 47.49 ? 86 HOH A O     1 
HETATM 272 O  O     . HOH G 5 . ? -4.961  7.848   6.492   1.00 37.86 ? 87 HOH A O     1 
HETATM 273 O  O     . HOH G 5 . ? 1.229   7.642   1.450   1.00 42.49 ? 88 HOH A O     1 
HETATM 274 O  O     . HOH G 5 . ? -0.955  0.619   -8.256  1.00 31.05 ? 89 HOH A O     1 
HETATM 275 O  O     . HOH G 5 . ? 0.794   2.101   -9.412  1.00 39.49 ? 90 HOH A O     1 
HETATM 276 O  O     . HOH H 5 . ? -13.734 -8.289  -2.962  1.00 22.58 ? 66 HOH B O     1 
HETATM 277 O  O     . HOH H 5 . ? -11.903 -9.190  -0.926  1.00 22.64 ? 67 HOH B O     1 
HETATM 278 O  O     . HOH H 5 . ? -3.869  -2.492  2.035   1.00 22.80 ? 68 HOH B O     1 
HETATM 279 O  O     . HOH H 5 . ? -5.654  -10.668 -0.903  1.00 32.25 ? 69 HOH B O     1 
HETATM 280 O  O     . HOH H 5 . ? -0.015  -6.752  -3.544  1.00 40.12 ? 70 HOH B O     1 
HETATM 281 O  O     . HOH H 5 . ? -13.542 -6.092  -1.566  1.00 27.96 ? 71 HOH B O     1 
HETATM 282 O  O     . HOH H 5 . ? 0.317   -4.639  -5.608  1.00 29.62 ? 72 HOH B O     1 
HETATM 283 O  O     . HOH H 5 . ? -2.344  -11.245 0.698   1.00 42.09 ? 73 HOH B O     1 
HETATM 284 O  O     . HOH H 5 . ? -8.575  -8.994  0.965   1.00 32.83 ? 74 HOH B O     1 
HETATM 285 O  O     . HOH H 5 . ? 7.500   -1.709  -5.524  1.00 43.95 ? 75 HOH B O     1 
HETATM 286 O  O     . HOH H 5 . ? 1.902   -2.812  -4.330  1.00 29.60 ? 76 HOH B O     1 
HETATM 287 O  O     . HOH H 5 . ? -10.658 -3.993  1.556   1.00 35.65 ? 77 HOH B O     1 
HETATM 288 O  O     . HOH H 5 . ? 4.306   -4.195  -4.662  1.00 32.94 ? 78 HOH B O     1 
HETATM 289 O  O     . HOH H 5 . ? -3.527  -10.699 -3.127  1.00 33.24 ? 79 HOH B O     1 
HETATM 290 O  O     . HOH H 5 . ? -14.598 -4.443  -3.748  1.00 45.23 ? 80 HOH B O     1 
HETATM 291 O  O     . HOH H 5 . ? -7.796  -8.070  3.265   1.00 38.09 ? 81 HOH B O     1 
HETATM 292 O  O     . HOH H 5 . ? 3.946   2.409   -3.663  0.50 34.28 ? 82 HOH B O     1 
HETATM 293 O  O     . HOH H 5 . ? 4.017   -9.364  -3.252  1.00 44.44 ? 83 HOH B O     1 
HETATM 294 O  O     . HOH H 5 . ? -7.310  -13.836 -2.778  1.00 43.04 ? 84 HOH B O     1 
HETATM 295 O  O     . HOH H 5 . ? -7.768  -12.489 2.586   0.50 27.27 ? 85 HOH B O     1 
HETATM 296 O  O     . HOH H 5 . ? -9.592  -11.544 0.561   0.5  21.84 ? 86 HOH B O     1 
HETATM 297 O  O     . HOH H 5 . ? -0.287  -10.638 2.308   1.00 43.44 ? 87 HOH B O     1 
HETATM 298 O  O     . HOH H 5 . ? -1.907  -9.124  -1.903  1.00 49.20 ? 88 HOH B O     1 
HETATM 299 O  O     . HOH H 5 . ? 14.335  -5.747  -5.575  1.00 42.99 ? 89 HOH B O     1 
HETATM 300 O  O     . HOH H 5 . ? -3.337  -13.159 -2.304  1.00 47.49 ? 90 HOH B O     1 
# 
loop_
_atom_site_anisotrop.id 
_atom_site_anisotrop.type_symbol 
_atom_site_anisotrop.pdbx_label_atom_id 
_atom_site_anisotrop.pdbx_label_alt_id 
_atom_site_anisotrop.pdbx_label_comp_id 
_atom_site_anisotrop.pdbx_label_asym_id 
_atom_site_anisotrop.pdbx_label_seq_id 
_atom_site_anisotrop.pdbx_PDB_ins_code 
_atom_site_anisotrop.U[1][1] 
_atom_site_anisotrop.U[2][2] 
_atom_site_anisotrop.U[3][3] 
_atom_site_anisotrop.U[1][2] 
_atom_site_anisotrop.U[1][3] 
_atom_site_anisotrop.U[2][3] 
_atom_site_anisotrop.pdbx_auth_seq_id 
_atom_site_anisotrop.pdbx_auth_comp_id 
_atom_site_anisotrop.pdbx_auth_asym_id 
_atom_site_anisotrop.pdbx_auth_atom_id 
1   O  "O3'" . DC  A 1 ? 0.4770 0.4958 0.4876 -0.0066 0.0026  0.0174  1  DC  A "O3'" 
2   P  P     . DG  A 2 ? 0.4688 0.4807 0.4450 -0.0069 0.0100  0.0260  2  DG  A P     
3   O  OP1   . DG  A 2 ? 0.4861 0.4874 0.4728 -0.0028 0.0010  0.0055  2  DG  A OP1   
4   O  OP2   . DG  A 2 ? 0.4830 0.4703 0.4836 0.0027  -0.0089 0.0140  2  DG  A OP2   
5   O  "O5'" . DG  A 2 ? 0.4347 0.4339 0.4197 -0.0024 0.0048  0.0157  2  DG  A "O5'" 
6   C  "C5'" . DG  A 2 ? 0.4217 0.4033 0.3970 -0.0014 0.0065  0.0088  2  DG  A "C5'" 
7   C  "C4'" . DG  A 2 ? 0.3866 0.3756 0.3898 0.0005  0.0023  0.0130  2  DG  A "C4'" 
8   O  "O4'" . DG  A 2 ? 0.3640 0.3542 0.3760 -0.0063 0.0016  0.0115  2  DG  A "O4'" 
9   C  "C3'" . DG  A 2 ? 0.3943 0.3802 0.3921 0.0001  -0.0011 0.0150  2  DG  A "C3'" 
10  O  "O3'" . DG  A 2 ? 0.4116 0.4059 0.4076 0.0054  0.0056  0.0216  2  DG  A "O3'" 
11  C  "C2'" . DG  A 2 ? 0.3595 0.3572 0.3685 0.0014  0.0047  0.0002  2  DG  A "C2'" 
12  C  "C1'" . DG  A 2 ? 0.3387 0.3467 0.3471 0.0012  0.0137  0.0070  2  DG  A "C1'" 
13  N  N9    . DG  A 2 ? 0.3044 0.3146 0.3129 -0.0083 0.0204  0.0124  2  DG  A N9    
14  C  C8    . DG  A 2 ? 0.3058 0.3167 0.3139 -0.0022 0.0206  0.0074  2  DG  A C8    
15  N  N7    . DG  A 2 ? 0.2990 0.3038 0.2828 -0.0100 0.0240  0.0203  2  DG  A N7    
16  C  C5    . DG  A 2 ? 0.2731 0.2869 0.2634 -0.0112 0.0115  0.0019  2  DG  A C5    
17  C  C6    . DG  A 2 ? 0.2512 0.2779 0.2446 -0.0086 0.0045  -0.0065 2  DG  A C6    
18  O  O6    . DG  A 2 ? 0.2463 0.2905 0.2565 -0.0184 0.0075  -0.0046 2  DG  A O6    
19  N  N1    . DG  A 2 ? 0.2293 0.2605 0.2320 -0.0205 -0.0115 0.0056  2  DG  A N1    
20  C  C2    . DG  A 2 ? 0.2325 0.2624 0.2508 -0.0103 -0.0227 -0.0073 2  DG  A C2    
21  N  N2    . DG  A 2 ? 0.2610 0.2603 0.2398 -0.0182 -0.0194 0.0071  2  DG  A N2    
22  N  N3    . DG  A 2 ? 0.2487 0.2678 0.2491 -0.0069 -0.0072 0.0005  2  DG  A N3    
23  C  C4    . DG  A 2 ? 0.2759 0.3013 0.2747 -0.0002 0.0028  0.0091  2  DG  A C4    
24  P  P     . DT  A 3 ? 0.4634 0.4312 0.4457 0.0020  0.0129  0.0117  3  DT  A P     
25  O  OP1   . DT  A 3 ? 0.4567 0.4585 0.4733 0.0094  0.0049  -0.0002 3  DT  A OP1   
26  O  OP2   . DT  A 3 ? 0.4578 0.4514 0.4737 0.0000  0.0050  -0.0009 3  DT  A OP2   
27  O  "O5'" . DT  A 3 ? 0.3885 0.3994 0.4059 -0.0026 0.0055  0.0011  3  DT  A "O5'" 
28  C  "C5'" . DT  A 3 ? 0.3795 0.3810 0.3830 0.0046  -0.0024 0.0074  3  DT  A "C5'" 
29  C  "C4'" . DT  A 3 ? 0.3355 0.3467 0.3578 0.0001  0.0035  -0.0043 3  DT  A "C4'" 
30  O  "O4'" . DT  A 3 ? 0.3083 0.3250 0.3363 -0.0182 0.0046  -0.0076 3  DT  A "O4'" 
31  C  "C3'" . DT  A 3 ? 0.3558 0.3471 0.3634 0.0016  -0.0026 -0.0024 3  DT  A "C3'" 
32  O  "O3'" . DT  A 3 ? 0.3705 0.3682 0.3729 0.0057  0.0013  -0.0001 3  DT  A "O3'" 
33  C  "C2'" . DT  A 3 ? 0.3472 0.3341 0.3549 -0.0046 -0.0024 -0.0091 3  DT  A "C2'" 
34  C  "C1'" . DT  A 3 ? 0.3170 0.3202 0.3246 -0.0033 0.0056  0.0003  3  DT  A "C1'" 
35  N  N1    . DT  A 3 ? 0.2954 0.3029 0.3023 -0.0140 -0.0027 -0.0003 3  DT  A N1    
36  C  C2    . DT  A 3 ? 0.2706 0.2994 0.2762 -0.0129 -0.0114 -0.0044 3  DT  A C2    
37  O  O2    . DT  A 3 ? 0.2647 0.3080 0.2739 -0.0234 -0.0193 0.0012  3  DT  A O2    
38  N  N3    . DT  A 3 ? 0.2791 0.3093 0.2662 -0.0120 -0.0108 -0.0131 3  DT  A N3    
39  C  C4    . DT  A 3 ? 0.2940 0.3099 0.2880 -0.0061 -0.0055 0.0038  3  DT  A C4    
40  O  O4    . DT  A 3 ? 0.2866 0.3059 0.2877 -0.0122 0.0002  -0.0075 3  DT  A O4    
41  C  C5    . DT  A 3 ? 0.3072 0.3101 0.3015 -0.0086 -0.0019 -0.0031 3  DT  A C5    
42  C  C7    . DT  A 3 ? 0.3225 0.3199 0.3106 -0.0075 0.0098  0.0041  3  DT  A C7    
43  C  C6    . DT  A 3 ? 0.3155 0.3246 0.3072 -0.0112 0.0067  0.0073  3  DT  A C6    
44  P  P     . DA  A 4 ? 0.3869 0.3890 0.3860 0.0104  0.0197  -0.0239 4  DA  A P     
45  O  OP1   . DA  A 4 ? 0.4047 0.4202 0.3937 0.0127  0.0257  -0.0089 4  DA  A OP1   
46  O  OP2   . DA  A 4 ? 0.4050 0.4160 0.4255 -0.0047 0.0194  -0.0070 4  DA  A OP2   
47  O  "O5'" . DA  A 4 ? 0.3393 0.3437 0.3299 -0.0066 0.0121  -0.0288 4  DA  A "O5'" 
48  C  "C5'" . DA  A 4 ? 0.3216 0.3384 0.3259 -0.0007 0.0172  -0.0178 4  DA  A "C5'" 
49  C  "C4'" . DA  A 4 ? 0.3214 0.3491 0.3276 -0.0013 0.0111  -0.0167 4  DA  A "C4'" 
50  O  "O4'" . DA  A 4 ? 0.2882 0.3478 0.3219 0.0000  0.0004  -0.0285 4  DA  A "O4'" 
51  C  "C3'" . DA  A 4 ? 0.3484 0.3545 0.3479 0.0021  -0.0037 -0.0135 4  DA  A "C3'" 
52  O  "O3'" . DA  A 4 ? 0.3852 0.4073 0.3744 0.0048  0.0109  -0.0064 4  DA  A "O3'" 
53  C  "C2'" . DA  A 4 ? 0.3374 0.3430 0.3327 0.0021  -0.0100 -0.0124 4  DA  A "C2'" 
54  C  "C1'" . DA  A 4 ? 0.3066 0.3240 0.3218 -0.0033 -0.0036 -0.0045 4  DA  A "C1'" 
55  N  N9    . DA  A 4 ? 0.2776 0.3113 0.2878 -0.0059 -0.0298 -0.0172 4  DA  A N9    
56  C  C8    . DA  A 4 ? 0.2999 0.3291 0.3113 -0.0106 -0.0156 -0.0112 4  DA  A C8    
57  N  N7    . DA  A 4 ? 0.2876 0.3035 0.2955 -0.0094 -0.0289 -0.0232 4  DA  A N7    
58  C  C5    . DA  A 4 ? 0.2731 0.3000 0.2712 -0.0125 -0.0356 -0.0122 4  DA  A C5    
59  C  C6    . DA  A 4 ? 0.2596 0.3091 0.2580 -0.0095 -0.0252 -0.0055 4  DA  A C6    
60  N  N6    . DA  A 4 ? 0.2774 0.3474 0.2940 -0.0194 0.0019  -0.0050 4  DA  A N6    
61  N  N1    . DA  A 4 ? 0.2518 0.3128 0.2509 -0.0154 -0.0315 -0.0172 4  DA  A N1    
62  C  C2    . DA  A 4 ? 0.2767 0.3006 0.2659 -0.0098 -0.0207 -0.0106 4  DA  A C2    
63  N  N3    . DA  A 4 ? 0.2537 0.3093 0.2788 -0.0128 -0.0302 -0.0208 4  DA  A N3    
64  C  C4    . DA  A 4 ? 0.2683 0.3124 0.2885 -0.0079 -0.0286 -0.0112 4  DA  A C4    
65  P  P     . DC  A 5 ? 0.4650 0.4497 0.4066 0.0181  0.0041  -0.0285 5  DC  A P     
66  O  OP1   . DC  A 5 ? 0.4503 0.4712 0.4688 0.0017  0.0039  0.0046  5  DC  A OP1   
67  O  OP2   . DC  A 5 ? 0.4771 0.4674 0.4497 0.0012  0.0109  -0.0082 5  DC  A OP2   
68  O  "O5'" . DC  A 5 ? 0.4250 0.4126 0.3916 -0.0069 -0.0060 -0.0120 5  DC  A "O5'" 
69  C  "C5'" . DC  A 5 ? 0.3942 0.4061 0.3896 -0.0027 -0.0051 0.0020  5  DC  A "C5'" 
70  C  "C4'" . DC  A 5 ? 0.3939 0.4125 0.3985 -0.0083 0.0008  -0.0011 5  DC  A "C4'" 
71  O  "O4'" . DC  A 5 ? 0.3310 0.3837 0.3685 -0.0110 -0.0173 -0.0124 5  DC  A "O4'" 
72  C  "C3'" . DC  A 5 ? 0.4002 0.4199 0.4030 -0.0079 0.0060  -0.0089 5  DC  A "C3'" 
73  O  "O3'" . DC  A 5 ? 0.4357 0.4651 0.4476 -0.0003 -0.0041 0.0126  5  DC  A "O3'" 
74  C  "C2'" . DC  A 5 ? 0.3779 0.3926 0.3748 -0.0036 -0.0120 -0.0042 5  DC  A "C2'" 
75  C  "C1'" . DC  A 5 ? 0.3435 0.3724 0.3643 -0.0035 -0.0028 -0.0051 5  DC  A "C1'" 
76  N  N1    . DC  A 5 ? 0.3197 0.3571 0.3413 -0.0133 -0.0216 -0.0158 5  DC  A N1    
77  C  C2    . DC  A 5 ? 0.2840 0.3444 0.3188 -0.0122 -0.0384 -0.0111 5  DC  A C2    
78  O  O2    . DC  A 5 ? 0.2819 0.3634 0.3232 -0.0143 -0.0159 -0.0218 5  DC  A O2    
79  N  N3    . DC  A 5 ? 0.2927 0.3393 0.3047 -0.0215 -0.0486 -0.0209 5  DC  A N3    
80  C  C4    . DC  A 5 ? 0.2832 0.3239 0.2994 -0.0152 -0.0422 -0.0194 5  DC  A C4    
81  N  N4    . DC  A 5 ? 0.3164 0.3466 0.3231 -0.0273 -0.0320 -0.0205 5  DC  A N4    
82  C  C5    . DC  A 5 ? 0.3263 0.3380 0.3378 -0.0124 -0.0176 -0.0165 5  DC  A C5    
83  C  C6    . DC  A 5 ? 0.3238 0.3460 0.3277 -0.0103 -0.0130 -0.0183 5  DC  A C6    
84  P  P     . DG  A 6 ? 0.4764 0.5139 0.4275 0.0141  -0.0061 0.0094  6  DG  A P     
85  O  OP1   . DG  A 6 ? 0.4932 0.5254 0.4845 -0.0024 0.0199  0.0210  6  DG  A OP1   
86  O  OP2   . DG  A 6 ? 0.4820 0.4964 0.4516 -0.0023 -0.0160 -0.0032 6  DG  A OP2   
87  O  "O5'" . DG  A 6 ? 0.4415 0.4477 0.4079 0.0053  -0.0234 -0.0025 6  DG  A "O5'" 
88  C  "C5'" . DG  A 6 ? 0.4171 0.4261 0.3987 -0.0010 -0.0102 0.0061  6  DG  A "C5'" 
89  C  "C4'" . DG  A 6 ? 0.3907 0.4058 0.3962 -0.0078 0.0108  0.0097  6  DG  A "C4'" 
90  O  "O4'" . DG  A 6 ? 0.3803 0.4019 0.3815 -0.0156 0.0107  0.0108  6  DG  A "O4'" 
91  C  "C3'" . DG  A 6 ? 0.3768 0.4005 0.3912 -0.0079 -0.0006 0.0066  6  DG  A "C3'" 
92  O  "O3'" . DG  A 6 ? 0.3998 0.4423 0.4017 -0.0072 -0.0103 0.0258  6  DG  A "O3'" 
93  C  "C2'" . DG  A 6 ? 0.3707 0.4010 0.3630 -0.0014 -0.0030 0.0091  6  DG  A "C2'" 
94  C  "C1'" . DG  A 6 ? 0.3620 0.3913 0.3641 -0.0033 0.0072  0.0062  6  DG  A "C1'" 
95  N  N9    . DG  A 6 ? 0.3385 0.3814 0.3321 -0.0132 -0.0011 0.0040  6  DG  A N9    
96  C  C8    . DG  A 6 ? 0.3570 0.3739 0.3554 -0.0039 -0.0048 0.0018  6  DG  A C8    
97  N  N7    . DG  A 6 ? 0.3490 0.3679 0.3370 -0.0008 0.0095  -0.0011 6  DG  A N7    
98  C  C5    . DG  A 6 ? 0.3201 0.3542 0.3203 -0.0102 -0.0015 0.0011  6  DG  A C5    
99  C  C6    . DG  A 6 ? 0.3043 0.3284 0.3126 -0.0036 -0.0135 -0.0042 6  DG  A C6    
100 O  O6    . DG  A 6 ? 0.3676 0.3551 0.3430 -0.0083 0.0003  0.0047  6  DG  A O6    
101 N  N1    . DG  A 6 ? 0.2993 0.3312 0.3089 -0.0259 -0.0216 -0.0108 6  DG  A N1    
102 C  C2    . DG  A 6 ? 0.2693 0.3118 0.2974 -0.0234 -0.0203 -0.0056 6  DG  A C2    
103 N  N2    . DG  A 6 ? 0.2816 0.3229 0.3064 -0.0223 -0.0186 -0.0170 6  DG  A N2    
104 N  N3    . DG  A 6 ? 0.3025 0.3288 0.3064 -0.0197 -0.0103 0.0025  6  DG  A N3    
105 C  C4    . DG  A 6 ? 0.3258 0.3498 0.3229 -0.0118 -0.0035 0.0001  6  DG  A C4    
106 O  "O5'" . DC  B 1 ? 0.5077 0.5299 0.5146 0.0061  0.0035  0.0042  7  DC  B "O5'" 
107 C  "C5'" . DC  B 1 ? 0.4744 0.4754 0.4706 -0.0064 -0.0018 -0.0002 7  DC  B "C5'" 
108 C  "C4'" . DC  B 1 ? 0.4361 0.4567 0.4505 0.0020  0.0075  0.0062  7  DC  B "C4'" 
109 O  "O4'" . DC  B 1 ? 0.4171 0.4333 0.4294 0.0018  0.0046  0.0128  7  DC  B "O4'" 
110 C  "C3'" . DC  B 1 ? 0.4320 0.4493 0.4411 -0.0019 0.0090  0.0028  7  DC  B "C3'" 
111 O  "O3'" . DC  B 1 ? 0.4374 0.4575 0.4489 0.0009  0.0140  -0.0001 7  DC  B "O3'" 
112 C  "C2'" . DC  B 1 ? 0.4126 0.4255 0.4264 0.0037  0.0001  0.0035  7  DC  B "C2'" 
113 C  "C1'" . DC  B 1 ? 0.4045 0.4190 0.4158 0.0003  0.0013  0.0026  7  DC  B "C1'" 
114 N  N1    . DC  B 1 ? 0.3771 0.4084 0.3994 -0.0042 0.0001  0.0056  7  DC  B N1    
115 C  C2    . DC  B 1 ? 0.3652 0.3578 0.3712 0.0047  -0.0022 0.0101  7  DC  B C2    
116 O  O2    . DC  B 1 ? 0.2968 0.3274 0.3511 0.0125  0.0179  0.0323  7  DC  B O2    
117 N  N3    . DC  B 1 ? 0.3655 0.3840 0.3762 -0.0030 0.0062  0.0077  7  DC  B N3    
118 C  C4    . DC  B 1 ? 0.4035 0.4123 0.4029 -0.0063 0.0001  -0.0070 7  DC  B C4    
119 N  N4    . DC  B 1 ? 0.4169 0.4287 0.4204 -0.0044 0.0082  -0.0137 7  DC  B N4    
120 C  C5    . DC  B 1 ? 0.4109 0.4193 0.4150 -0.0046 0.0054  -0.0062 7  DC  B C5    
121 C  C6    . DC  B 1 ? 0.4074 0.4150 0.4139 -0.0038 0.0061  -0.0028 7  DC  B C6    
122 P  P     . DG  B 2 ? 0.4567 0.4670 0.4666 0.0080  0.0307  0.0041  8  DG  B P     
123 O  OP1   . DG  B 2 ? 0.4754 0.4975 0.4846 0.0083  0.0084  0.0094  8  DG  B OP1   
124 O  OP2   . DG  B 2 ? 0.4765 0.4986 0.4943 0.0039  0.0117  -0.0004 8  DG  B OP2   
125 O  "O5'" . DG  B 2 ? 0.4115 0.4490 0.4362 0.0069  0.0058  0.0112  8  DG  B "O5'" 
126 C  "C5'" . DG  B 2 ? 0.3814 0.4173 0.3976 -0.0062 0.0096  0.0009  8  DG  B "C5'" 
127 C  "C4'" . DG  B 2 ? 0.3504 0.3976 0.3790 -0.0068 -0.0079 0.0060  8  DG  B "C4'" 
128 O  "O4'" . DG  B 2 ? 0.3227 0.4021 0.3880 -0.0152 -0.0008 0.0048  8  DG  B "O4'" 
129 C  "C3'" . DG  B 2 ? 0.3358 0.3829 0.3562 -0.0026 -0.0031 -0.0002 8  DG  B "C3'" 
130 O  "O3'" . DG  B 2 ? 0.3048 0.3953 0.3457 -0.0001 -0.0115 -0.0162 8  DG  B "O3'" 
131 C  "C2'" . DG  B 2 ? 0.3576 0.3710 0.3466 0.0008  -0.0007 -0.0047 8  DG  B "C2'" 
132 C  "C1'" . DG  B 2 ? 0.3289 0.3652 0.3419 -0.0084 0.0105  0.0057  8  DG  B "C1'" 
133 N  N9    . DG  B 2 ? 0.3232 0.3608 0.3314 -0.0101 -0.0042 -0.0013 8  DG  B N9    
134 C  C8    . DG  B 2 ? 0.3310 0.3581 0.3436 -0.0097 -0.0005 0.0056  8  DG  B C8    
135 N  N7    . DG  B 2 ? 0.3519 0.3735 0.3721 -0.0129 0.0117  -0.0038 8  DG  B N7    
136 C  C5    . DG  B 2 ? 0.3328 0.3393 0.3297 -0.0164 -0.0051 -0.0068 8  DG  B C5    
137 C  C6    . DG  B 2 ? 0.3141 0.3326 0.3003 -0.0206 -0.0264 -0.0128 8  DG  B C6    
138 O  O6    . DG  B 2 ? 0.3431 0.3603 0.3519 -0.0159 -0.0040 0.0011  8  DG  B O6    
139 N  N1    . DG  B 2 ? 0.2788 0.3350 0.2883 -0.0232 -0.0372 -0.0166 8  DG  B N1    
140 C  C2    . DG  B 2 ? 0.3004 0.3308 0.2803 -0.0137 -0.0301 -0.0157 8  DG  B C2    
141 N  N2    . DG  B 2 ? 0.2951 0.3580 0.2884 -0.0157 -0.0299 0.0087  8  DG  B N2    
142 N  N3    . DG  B 2 ? 0.2842 0.3121 0.2750 -0.0062 -0.0406 -0.0155 8  DG  B N3    
143 C  C4    . DG  B 2 ? 0.3177 0.3500 0.3135 -0.0069 -0.0151 -0.0052 8  DG  B C4    
144 P  P     . DT  B 3 ? 0.3122 0.4362 0.3433 0.0092  0.0009  -0.0403 9  DT  B P     
145 O  OP1   . DT  B 3 ? 0.3733 0.4038 0.3828 0.0075  -0.0156 -0.0071 9  DT  B OP1   
146 O  OP2   . DT  B 3 ? 0.3636 0.4054 0.3638 0.0126  0.0308  -0.0157 9  DT  B OP2   
147 O  "O5'" . DT  B 3 ? 0.3067 0.3758 0.3285 -0.0038 0.0001  -0.0176 9  DT  B "O5'" 
148 C  "C5'" . DT  B 3 ? 0.3181 0.3541 0.3463 -0.0069 0.0089  -0.0055 9  DT  B "C5'" 
149 C  "C4'" . DT  B 3 ? 0.3149 0.3452 0.3310 0.0022  -0.0063 0.0001  9  DT  B "C4'" 
150 O  "O4'" . DT  B 3 ? 0.2984 0.3532 0.3072 0.0014  -0.0116 -0.0217 9  DT  B "O4'" 
151 C  "C3'" . DT  B 3 ? 0.3349 0.3446 0.3461 0.0006  -0.0113 -0.0144 9  DT  B "C3'" 
152 O  "O3'" . DT  B 3 ? 0.3687 0.3886 0.4096 -0.0067 -0.0009 -0.0031 9  DT  B "O3'" 
153 C  "C2'" . DT  B 3 ? 0.3219 0.3403 0.3211 -0.0053 -0.0060 -0.0148 9  DT  B "C2'" 
154 C  "C1'" . DT  B 3 ? 0.3008 0.3319 0.3130 0.0000  -0.0042 -0.0114 9  DT  B "C1'" 
155 N  N1    . DT  B 3 ? 0.2802 0.3337 0.2790 -0.0009 -0.0194 -0.0094 9  DT  B N1    
156 C  C2    . DT  B 3 ? 0.2668 0.3182 0.2682 -0.0043 -0.0180 -0.0032 9  DT  B C2    
157 O  O2    . DT  B 3 ? 0.2633 0.3379 0.2836 -0.0072 0.0001  -0.0061 9  DT  B O2    
158 N  N3    . DT  B 3 ? 0.2677 0.3183 0.2578 -0.0176 -0.0175 -0.0157 9  DT  B N3    
159 C  C4    . DT  B 3 ? 0.2819 0.3129 0.2654 -0.0115 -0.0171 -0.0036 9  DT  B C4    
160 O  O4    . DT  B 3 ? 0.2864 0.3415 0.3078 -0.0067 -0.0097 -0.0065 9  DT  B O4    
161 C  C5    . DT  B 3 ? 0.2936 0.3260 0.3002 -0.0087 -0.0042 -0.0024 9  DT  B C5    
162 C  C7    . DT  B 3 ? 0.3157 0.3423 0.3171 -0.0091 0.0033  0.0060  9  DT  B C7    
163 C  C6    . DT  B 3 ? 0.2770 0.3226 0.2802 0.0008  -0.0126 -0.0072 9  DT  B C6    
164 P  P     . DA  B 4 ? 0.3713 0.4322 0.4443 -0.0106 0.0038  -0.0282 10 DA  B P     
165 O  OP1   . DA  B 4 ? 0.4150 0.4557 0.4593 -0.0090 0.0017  -0.0051 10 DA  B OP1   
166 O  OP2   . DA  B 4 ? 0.4148 0.4613 0.4453 -0.0090 0.0059  -0.0098 10 DA  B OP2   
167 O  "O5'" . DA  B 4 ? 0.3603 0.4092 0.3954 -0.0079 -0.0019 -0.0143 10 DA  B "O5'" 
168 C  "C5'" . DA  B 4 ? 0.3308 0.3625 0.3640 0.0059  -0.0061 0.0055  10 DA  B "C5'" 
169 C  "C4'" . DA  B 4 ? 0.3186 0.3382 0.3359 0.0042  -0.0216 0.0062  10 DA  B "C4'" 
170 O  "O4'" . DA  B 4 ? 0.3099 0.3440 0.3259 -0.0130 -0.0382 0.0110  10 DA  B "O4'" 
171 C  "C3'" . DA  B 4 ? 0.3171 0.3269 0.3166 0.0024  -0.0132 0.0072  10 DA  B "C3'" 
172 O  "O3'" . DA  B 4 ? 0.3066 0.3463 0.2864 -0.0039 -0.0292 0.0259  10 DA  B "O3'" 
173 C  "C2'" . DA  B 4 ? 0.2920 0.3082 0.3073 0.0098  -0.0165 0.0063  10 DA  B "C2'" 
174 C  "C1'" . DA  B 4 ? 0.2841 0.3134 0.2958 0.0068  -0.0153 0.0140  10 DA  B "C1'" 
175 N  N9    . DA  B 4 ? 0.2602 0.3011 0.2573 0.0057  -0.0297 -0.0012 10 DA  B N9    
176 C  C8    . DA  B 4 ? 0.2692 0.3076 0.2625 0.0000  -0.0211 -0.0021 10 DA  B C8    
177 N  N7    . DA  B 4 ? 0.2532 0.2822 0.2828 0.0008  -0.0348 -0.0081 10 DA  B N7    
178 C  C5    . DA  B 4 ? 0.2392 0.2804 0.2324 -0.0067 -0.0289 -0.0150 10 DA  B C5    
179 C  C6    . DA  B 4 ? 0.2424 0.2709 0.2313 -0.0092 -0.0191 -0.0044 10 DA  B C6    
180 N  N6    . DA  B 4 ? 0.2667 0.2992 0.2502 -0.0266 -0.0018 0.0033  10 DA  B N6    
181 N  N1    . DA  B 4 ? 0.2417 0.2677 0.2446 -0.0116 -0.0158 -0.0069 10 DA  B N1    
182 C  C2    . DA  B 4 ? 0.2560 0.2838 0.2425 -0.0140 -0.0213 -0.0055 10 DA  B C2    
183 N  N3    . DA  B 4 ? 0.2390 0.2685 0.2336 -0.0038 -0.0276 -0.0181 10 DA  B N3    
184 C  C4    . DA  B 4 ? 0.2435 0.2891 0.2378 -0.0041 -0.0280 -0.0107 10 DA  B C4    
185 P  P     . DC  B 5 ? 0.2840 0.3682 0.3267 -0.0069 -0.0338 0.0401  11 DC  B P     
186 O  OP1   . DC  B 5 ? 0.3353 0.3743 0.3424 -0.0039 -0.0090 0.0329  11 DC  B OP1   
187 O  OP2   . DC  B 5 ? 0.3115 0.3625 0.3493 -0.0033 -0.0308 0.0217  11 DC  B OP2   
188 O  "O5'" . DC  B 5 ? 0.2613 0.3100 0.3180 -0.0103 -0.0184 0.0171  11 DC  B "O5'" 
189 C  "C5'" . DC  B 5 ? 0.2546 0.2959 0.2737 -0.0125 -0.0131 0.0142  11 DC  B "C5'" 
190 C  "C4'" . DC  B 5 ? 0.2435 0.2557 0.2578 -0.0009 -0.0043 0.0046  11 DC  B "C4'" 
191 O  "O4'" . DC  B 5 ? 0.2465 0.2942 0.2436 -0.0166 -0.0087 0.0000  11 DC  B "O4'" 
192 C  "C3'" . DC  B 5 ? 0.2519 0.2593 0.2573 0.0008  -0.0087 0.0088  11 DC  B "C3'" 
193 O  "O3'" . DC  B 5 ? 0.2344 0.2599 0.2395 -0.0076 0.0075  0.0002  11 DC  B "O3'" 
194 C  "C2'" . DC  B 5 ? 0.2402 0.2656 0.2624 -0.0006 -0.0091 0.0037  11 DC  B "C2'" 
195 C  "C1'" . DC  B 5 ? 0.2543 0.2682 0.2512 -0.0071 -0.0082 0.0041  11 DC  B "C1'" 
196 N  N1    . DC  B 5 ? 0.2438 0.2584 0.2344 0.0003  -0.0167 -0.0083 11 DC  B N1    
197 C  C2    . DC  B 5 ? 0.2303 0.2514 0.2239 -0.0113 -0.0214 -0.0117 11 DC  B C2    
198 O  O2    . DC  B 5 ? 0.2380 0.2682 0.2272 -0.0099 -0.0111 -0.0129 11 DC  B O2    
199 N  N3    . DC  B 5 ? 0.2320 0.2520 0.2290 -0.0285 -0.0183 -0.0175 11 DC  B N3    
200 C  C4    . DC  B 5 ? 0.2189 0.2721 0.2175 -0.0182 -0.0211 -0.0125 11 DC  B C4    
201 N  N4    . DC  B 5 ? 0.2455 0.2898 0.2343 -0.0222 0.0030  -0.0095 11 DC  B N4    
202 C  C5    . DC  B 5 ? 0.2215 0.2751 0.2323 -0.0043 -0.0103 -0.0160 11 DC  B C5    
203 C  C6    . DC  B 5 ? 0.2353 0.2547 0.2382 -0.0034 -0.0053 -0.0051 11 DC  B C6    
204 P  P     . DG  B 6 ? 0.2445 0.2880 0.2562 -0.0160 -0.0026 0.0133  12 DG  B P     
205 O  OP1   . DG  B 6 ? 0.2663 0.3046 0.2995 -0.0001 0.0047  0.0103  12 DG  B OP1   
206 O  OP2   . DG  B 6 ? 0.2480 0.2897 0.2619 -0.0300 -0.0133 0.0103  12 DG  B OP2   
207 O  "O5'" . DG  B 6 ? 0.2479 0.2718 0.2454 -0.0167 -0.0135 0.0023  12 DG  B "O5'" 
208 C  "C5'" . DG  B 6 ? 0.2517 0.2694 0.2645 -0.0028 -0.0048 0.0047  12 DG  B "C5'" 
209 C  "C4'" . DG  B 6 ? 0.2443 0.2490 0.2508 -0.0119 -0.0028 0.0158  12 DG  B "C4'" 
210 O  "O4'" . DG  B 6 ? 0.2313 0.2729 0.2609 -0.0124 -0.0006 0.0208  12 DG  B "O4'" 
211 C  "C3'" . DG  B 6 ? 0.2416 0.2304 0.2465 -0.0123 0.0049  0.0158  12 DG  B "C3'" 
212 O  "O3'" . DG  B 6 ? 0.2520 0.2637 0.2592 0.0022  -0.0089 0.0225  12 DG  B "O3'" 
213 C  "C2'" . DG  B 6 ? 0.2589 0.2573 0.2519 -0.0013 0.0071  0.0164  12 DG  B "C2'" 
214 C  "C1'" . DG  B 6 ? 0.2556 0.2712 0.2566 -0.0052 0.0014  0.0011  12 DG  B "C1'" 
215 N  N9    . DG  B 6 ? 0.2487 0.2697 0.2584 -0.0114 0.0024  0.0022  12 DG  B N9    
216 C  C8    . DG  B 6 ? 0.2560 0.2702 0.2622 -0.0157 0.0022  0.0034  12 DG  B C8    
217 N  N7    . DG  B 6 ? 0.2590 0.2448 0.2560 -0.0151 0.0061  0.0014  12 DG  B N7    
218 C  C5    . DG  B 6 ? 0.2583 0.2648 0.2626 -0.0118 0.0076  0.0093  12 DG  B C5    
219 C  C6    . DG  B 6 ? 0.2674 0.2831 0.2750 -0.0023 0.0052  0.0050  12 DG  B C6    
220 O  O6    . DG  B 6 ? 0.2921 0.2995 0.2927 -0.0156 0.0226  0.0214  12 DG  B O6    
221 N  N1    . DG  B 6 ? 0.2644 0.2684 0.2733 -0.0007 0.0125  0.0090  12 DG  B N1    
222 C  C2    . DG  B 6 ? 0.2616 0.2687 0.2554 0.0004  0.0089  0.0026  12 DG  B C2    
223 N  N2    . DG  B 6 ? 0.2558 0.2873 0.2977 0.0015  -0.0058 -0.0052 12 DG  B N2    
224 N  N3    . DG  B 6 ? 0.2340 0.2600 0.2500 -0.0010 0.0066  0.0012  12 DG  B N3    
225 C  C4    . DG  B 6 ? 0.2505 0.2576 0.2504 -0.0093 0.0093  0.0120  12 DG  B C4    
226 CO CO    . CO  C . ? 0.4055 0.5169 0.4008 -0.0095 0.0808  0.0351  64 CO  A CO    
227 O  O27   . A4L D . ? 0.3447 0.3098 0.2916 -0.0111 -0.0060 -0.0125 71 A4L A O27   
228 C  C26   . A4L D . ? 0.3330 0.3201 0.3212 -0.0091 -0.0145 -0.0083 71 A4L A C26   
229 C  C28   . A4L D . ? 0.3345 0.3434 0.3291 -0.0008 0.0013  -0.0067 71 A4L A C28   
230 N  N25   . A4L D . ? 0.3724 0.3673 0.3590 0.0049  -0.0177 0.0024  71 A4L A N25   
231 C  C23   . A4L D . ? 0.3794 0.3764 0.3759 -0.0004 -0.0084 -0.0021 71 A4L A C23   
232 C  C24   . A4L D . ? 0.3846 0.3850 0.3834 -0.0013 0.0009  -0.0009 71 A4L A C24   
233 C  C22   . A4L D . ? 0.3891 0.3826 0.3873 0.0016  -0.0054 -0.0013 71 A4L A C22   
234 C  C21   . A4L D . ? 0.3987 0.3939 0.3951 0.0004  -0.0004 0.0001  71 A4L A C21   
235 C  C20   . A4L D . ? 0.3911 0.3885 0.3920 -0.0025 0.0020  -0.0015 71 A4L A C20   
236 C  C19   . A4L D . ? 0.3865 0.3883 0.3918 0.0013  -0.0021 -0.0028 71 A4L A C19   
237 N  N18   . A4L D . ? 0.3741 0.3847 0.3852 -0.0050 -0.0073 -0.0049 71 A4L A N18   
238 C  C10   . A4L D . ? 0.3768 0.3865 0.3767 -0.0087 -0.0157 -0.0031 71 A4L A C10   
239 C  C5    . A4L D . ? 0.3653 0.3814 0.3705 -0.0061 -0.0179 -0.0086 71 A4L A C5    
240 C  C4    . A4L D . ? 0.3730 0.3847 0.3789 -0.0096 -0.0150 -0.0061 71 A4L A C4    
241 C  C3    . A4L D . ? 0.3871 0.3900 0.3920 -0.0043 -0.0124 -0.0024 71 A4L A C3    
242 C  C2    . A4L D . ? 0.4009 0.4157 0.4069 -0.0012 -0.0035 -0.0114 71 A4L A C2    
243 CL CL15  . A4L D . ? 0.4637 0.4549 0.4627 -0.0120 -0.0107 0.0080  71 A4L A CL15  
244 C  C9    . A4L D . ? 0.3977 0.4095 0.4031 -0.0006 -0.0074 -0.0084 71 A4L A C9    
245 C  C14   . A4L D . ? 0.4274 0.4227 0.4258 -0.0031 -0.0030 0.0012  71 A4L A C14   
246 C  C13   . A4L D . ? 0.4359 0.4410 0.4374 -0.0005 0.0035  -0.0035 71 A4L A C13   
247 O  O16   . A4L D . ? 0.4556 0.4519 0.4576 -0.0025 0.0012  0.0000  71 A4L A O16   
248 C  C17   . A4L D . ? 0.4552 0.4539 0.4534 -0.0017 0.0020  -0.0012 71 A4L A C17   
249 C  C12   . A4L D . ? 0.4348 0.4348 0.4346 0.0019  0.0004  0.0020  71 A4L A C12   
250 C  C11   . A4L D . ? 0.4272 0.4281 0.4314 0.0011  0.0013  -0.0033 71 A4L A C11   
251 C  C8    . A4L D . ? 0.4100 0.4147 0.4092 -0.0044 -0.0034 0.0003  71 A4L A C8    
252 N  N7    . A4L D . ? 0.3908 0.4066 0.4009 -0.0011 -0.0081 -0.0059 71 A4L A N7    
253 C  C6    . A4L D . ? 0.3777 0.3912 0.3819 -0.0094 -0.0104 -0.0030 71 A4L A C6    
254 C  C1    . A4L D . ? 0.3893 0.3964 0.3891 -0.0052 -0.0072 -0.0002 71 A4L A C1    
255 CO CO    . CO  E . ? 0.2848 0.2721 0.2637 -0.0324 0.0120  0.0058  63 CO  B CO    
256 BA BA    . BA  F . ? 0.5493 0.5701 0.5613 -0.0093 0.0026  0.0146  65 BA  B BA    
257 O  O     . HOH G . ? 0.4142 0.4368 0.4294 -0.0135 0.0327  0.0083  72 HOH A O     
258 O  O     . HOH G . ? 0.2852 0.3412 0.3085 -0.0005 0.0072  -0.0172 73 HOH A O     
259 O  O     . HOH G . ? 0.3747 0.4269 0.3912 0.0242  0.0062  0.0135  74 HOH A O     
260 O  O     . HOH G . ? 0.5869 0.5972 0.5961 0.0006  0.0032  0.0016  75 HOH A O     
261 O  O     . HOH G . ? 0.4081 0.4204 0.3865 0.0245  0.0038  -0.0035 76 HOH A O     
262 O  O     . HOH G . ? 0.5051 0.5353 0.5229 -0.0006 0.0096  0.0106  77 HOH A O     
263 O  O     . HOH G . ? 0.4163 0.4668 0.4066 0.0085  0.0107  0.0050  78 HOH A O     
264 O  O     . HOH G . ? 0.4030 0.4256 0.4127 -0.0193 0.0142  -0.0064 79 HOH A O     
265 O  O     . HOH G . ? 0.5361 0.5267 0.5416 -0.0030 -0.0032 0.0004  80 HOH A O     
266 O  O     . HOH G . ? 0.4842 0.5032 0.4837 0.0007  0.0085  0.0010  81 HOH A O     
267 O  O     . HOH G . ? 0.5875 0.5698 0.6001 0.0009  0.0003  -0.0073 82 HOH A O     
268 O  O     . HOH G . ? 0.4391 0.4459 0.4313 0.0122  -0.0123 0.0022  83 HOH A O     
269 O  O     . HOH G . ? 0.5274 0.5343 0.5258 0.0086  -0.0070 -0.0097 84 HOH A O     
270 O  O     . HOH G . ? 0.4573 0.4499 0.4677 -0.0218 -0.0124 0.0058  85 HOH A O     
271 O  O     . HOH G . ? 0.5969 0.6057 0.6017 -0.0030 0.0079  0.0034  86 HOH A O     
272 O  O     . HOH G . ? 0.4764 0.4834 0.4785 -0.0010 -0.0078 -0.0033 87 HOH A O     
273 O  O     . HOH G . ? 0.5378 0.5357 0.5408 -0.0019 -0.0063 -0.0058 88 HOH A O     
274 O  O     . HOH G . ? 0.4115 0.3989 0.3691 0.0179  0.0301  -0.0027 89 HOH A O     
275 O  O     . HOH G . ? 0.4950 0.5027 0.5026 -0.0069 0.0237  0.0042  90 HOH A O     
276 O  O     . HOH H . ? 0.2637 0.2879 0.3063 -0.0116 0.0193  0.0177  66 HOH B O     
277 O  O     . HOH H . ? 0.2789 0.2854 0.2959 -0.0037 0.0095  0.0106  67 HOH B O     
278 O  O     . HOH H . ? 0.2646 0.3302 0.2713 0.0155  -0.0216 -0.0116 68 HOH B O     
279 O  O     . HOH H . ? 0.3968 0.4105 0.4177 -0.0079 -0.0280 0.0198  69 HOH B O     
280 O  O     . HOH H . ? 0.5147 0.4988 0.5109 -0.0023 0.0041  -0.0072 70 HOH B O     
281 O  O     . HOH H . ? 0.3339 0.3339 0.3943 -0.0125 0.0045  -0.0127 71 HOH B O     
282 O  O     . HOH H . ? 0.3291 0.4027 0.3933 0.0012  0.0175  -0.0046 72 HOH B O     
283 O  O     . HOH H . ? 0.5286 0.5271 0.5433 0.0109  -0.0098 -0.0025 73 HOH B O     
284 O  O     . HOH H . ? 0.4156 0.4355 0.3961 -0.0089 -0.0208 0.0193  74 HOH B O     
285 O  O     . HOH H . ? 0.5529 0.5668 0.5499 0.0003  -0.0007 0.0004  75 HOH B O     
286 O  O     . HOH H . ? 0.3398 0.4257 0.3588 -0.0156 0.0090  0.0090  76 HOH B O     
287 O  O     . HOH H . ? 0.4708 0.4382 0.4454 0.0015  0.0063  -0.0114 77 HOH B O     
288 O  O     . HOH H . ? 0.3966 0.4581 0.3966 0.0029  -0.0149 -0.0153 78 HOH B O     
289 O  O     . HOH H . ? 0.4334 0.4095 0.4200 0.0007  0.0114  -0.0026 79 HOH B O     
290 O  O     . HOH H . ? 0.5643 0.5833 0.5707 0.0043  0.0040  -0.0003 80 HOH B O     
291 O  O     . HOH H . ? 0.4804 0.4907 0.4760 -0.0040 -0.0044 -0.0023 81 HOH B O     
292 O  O     . HOH H . ? 0.4291 0.4419 0.4315 -0.0016 0.0003  0.0092  82 HOH B O     
293 O  O     . HOH H . ? 0.5692 0.5566 0.5625 -0.0003 0.0024  -0.0017 83 HOH B O     
294 O  O     . HOH H . ? 0.5361 0.5560 0.5431 -0.0046 -0.0056 -0.0019 84 HOH B O     
295 O  O     . HOH H . ? 0.3392 0.3440 0.3527 0.0044  -0.0019 0.0005  85 HOH B O     
296 O  O     . HOH H . ? 0.2926 0.2440 0.2928 0.0166  -0.0036 -0.0066 86 HOH B O     
297 O  O     . HOH H . ? 0.5474 0.5533 0.5497 0.0027  -0.0053 0.0023  87 HOH B O     
298 O  O     . HOH H . ? 0.6243 0.6225 0.6227 -0.0021 0.0038  0.0035  88 HOH B O     
299 O  O     . HOH H . ? 0.5459 0.5353 0.5521 0.0015  -0.0120 -0.0028 89 HOH B O     
300 O  O     . HOH H . ? 0.6049 0.5911 0.6084 0.0087  -0.0092 0.0008  90 HOH B O     
# 
